data_2R9I
# 
_entry.id   2R9I 
# 
_audit_conform.dict_name       mmcif_pdbx.dic 
_audit_conform.dict_version    5.397 
_audit_conform.dict_location   http://mmcif.pdb.org/dictionaries/ascii/mmcif_pdbx.dic 
# 
loop_
_database_2.database_id 
_database_2.database_code 
_database_2.pdbx_database_accession 
_database_2.pdbx_DOI 
PDB   2R9I         pdb_00002r9i 10.2210/pdb2r9i/pdb 
RCSB  RCSB044593   ?            ?                   
WWPDB D_1000044593 ?            ?                   
# 
loop_
_pdbx_audit_revision_history.ordinal 
_pdbx_audit_revision_history.data_content_type 
_pdbx_audit_revision_history.major_revision 
_pdbx_audit_revision_history.minor_revision 
_pdbx_audit_revision_history.revision_date 
1 'Structure model' 1 0 2007-12-18 
2 'Structure model' 1 1 2011-07-13 
3 'Structure model' 1 2 2024-10-16 
# 
_pdbx_audit_revision_details.ordinal             1 
_pdbx_audit_revision_details.revision_ordinal    1 
_pdbx_audit_revision_details.data_content_type   'Structure model' 
_pdbx_audit_revision_details.provider            repository 
_pdbx_audit_revision_details.type                'Initial release' 
_pdbx_audit_revision_details.description         ? 
_pdbx_audit_revision_details.details             ? 
# 
loop_
_pdbx_audit_revision_group.ordinal 
_pdbx_audit_revision_group.revision_ordinal 
_pdbx_audit_revision_group.data_content_type 
_pdbx_audit_revision_group.group 
1 2 'Structure model' Advisory                    
2 2 'Structure model' 'Version format compliance' 
3 3 'Structure model' 'Data collection'           
4 3 'Structure model' 'Database references'       
5 3 'Structure model' 'Derived calculations'      
6 3 'Structure model' 'Structure summary'         
# 
loop_
_pdbx_audit_revision_category.ordinal 
_pdbx_audit_revision_category.revision_ordinal 
_pdbx_audit_revision_category.data_content_type 
_pdbx_audit_revision_category.category 
1 3 'Structure model' chem_comp_atom            
2 3 'Structure model' chem_comp_bond            
3 3 'Structure model' database_2                
4 3 'Structure model' pdbx_entry_details        
5 3 'Structure model' pdbx_modification_feature 
6 3 'Structure model' struct_conn               
7 3 'Structure model' struct_ref_seq_dif        
# 
loop_
_pdbx_audit_revision_item.ordinal 
_pdbx_audit_revision_item.revision_ordinal 
_pdbx_audit_revision_item.data_content_type 
_pdbx_audit_revision_item.item 
1 3 'Structure model' '_database_2.pdbx_DOI'                
2 3 'Structure model' '_database_2.pdbx_database_accession' 
3 3 'Structure model' '_struct_conn.pdbx_leaving_atom_flag' 
4 3 'Structure model' '_struct_ref_seq_dif.details'         
# 
_pdbx_database_status.status_code                     REL 
_pdbx_database_status.entry_id                        2R9I 
_pdbx_database_status.recvd_initial_deposition_date   2007-09-12 
_pdbx_database_status.deposit_site                    RCSB 
_pdbx_database_status.process_site                    RCSB 
_pdbx_database_status.status_code_sf                  REL 
_pdbx_database_status.status_code_mr                  ? 
_pdbx_database_status.SG_entry                        Y 
_pdbx_database_status.pdb_format_compatible           Y 
_pdbx_database_status.status_code_cs                  ? 
_pdbx_database_status.status_code_nmr_data            ? 
_pdbx_database_status.methods_development_category    ? 
# 
_pdbx_database_related.db_name        TargetDB 
_pdbx_database_related.db_id          APC90619.1 
_pdbx_database_related.details        . 
_pdbx_database_related.content_type   unspecified 
# 
loop_
_audit_author.name 
_audit_author.pdbx_ordinal 
'Wu, R.'                                        1 
'Abdullah, J.'                                  2 
'Joachimiak, A.'                                3 
'Midwest Center for Structural Genomics (MCSG)' 4 
# 
_citation.id                        primary 
_citation.title                     
'The crystal structure of putative phage capsid protein domain from Corynebacterium diphtheriae.' 
_citation.journal_abbrev            'To be Published' 
_citation.journal_volume            ? 
_citation.page_first                ? 
_citation.page_last                 ? 
_citation.year                      ? 
_citation.journal_id_ASTM           ? 
_citation.country                   ? 
_citation.journal_id_ISSN           ? 
_citation.journal_id_CSD            0353 
_citation.book_publisher            ? 
_citation.pdbx_database_id_PubMed   ? 
_citation.pdbx_database_id_DOI      ? 
# 
loop_
_citation_author.citation_id 
_citation_author.name 
_citation_author.ordinal 
_citation_author.identifier_ORCID 
primary 'Wu, R.'         1 ? 
primary 'Abdullah, J.'   2 ? 
primary 'Joachimiak, A.' 3 ? 
# 
loop_
_entity.id 
_entity.type 
_entity.src_method 
_entity.pdbx_description 
_entity.formula_weight 
_entity.pdbx_number_of_molecules 
_entity.pdbx_ec 
_entity.pdbx_mutation 
_entity.pdbx_fragment 
_entity.details 
1 polymer man 'Putative phage capsid protein' 15520.618 1 ? ? 'N-terminal domain: Residues 1-138' ? 
2 water   nat water                           18.015    9 ? ? ?                                   ? 
# 
_entity_poly.entity_id                      1 
_entity_poly.type                           'polypeptide(L)' 
_entity_poly.nstd_linkage                   no 
_entity_poly.nstd_monomer                   yes 
_entity_poly.pdbx_seq_one_letter_code       
;SNA(MSE)NLKDLLAHRENL(MSE)DSAKRARSAITDD(MSE)DPADAAQAVENVKSIISEIESTDEAIAARRGVSDVTQ
KLKGLTITERGTENDSAASRSLGEHFVKAAGDRLKNQAAGAHIEYSVPEYQVKEDAHSSPKDLVEGWGTFYQR
;
_entity_poly.pdbx_seq_one_letter_code_can   
;SNAMNLKDLLAHRENLMDSAKRARSAITDDMDPADAAQAVENVKSIISEIESTDEAIAARRGVSDVTQKLKGLTITERGT
ENDSAASRSLGEHFVKAAGDRLKNQAAGAHIEYSVPEYQVKEDAHSSPKDLVEGWGTFYQR
;
_entity_poly.pdbx_strand_id                 A 
_entity_poly.pdbx_target_identifier         APC90619.1 
# 
_pdbx_entity_nonpoly.entity_id   2 
_pdbx_entity_nonpoly.name        water 
_pdbx_entity_nonpoly.comp_id     HOH 
# 
loop_
_entity_poly_seq.entity_id 
_entity_poly_seq.num 
_entity_poly_seq.mon_id 
_entity_poly_seq.hetero 
1 1   SER n 
1 2   ASN n 
1 3   ALA n 
1 4   MSE n 
1 5   ASN n 
1 6   LEU n 
1 7   LYS n 
1 8   ASP n 
1 9   LEU n 
1 10  LEU n 
1 11  ALA n 
1 12  HIS n 
1 13  ARG n 
1 14  GLU n 
1 15  ASN n 
1 16  LEU n 
1 17  MSE n 
1 18  ASP n 
1 19  SER n 
1 20  ALA n 
1 21  LYS n 
1 22  ARG n 
1 23  ALA n 
1 24  ARG n 
1 25  SER n 
1 26  ALA n 
1 27  ILE n 
1 28  THR n 
1 29  ASP n 
1 30  ASP n 
1 31  MSE n 
1 32  ASP n 
1 33  PRO n 
1 34  ALA n 
1 35  ASP n 
1 36  ALA n 
1 37  ALA n 
1 38  GLN n 
1 39  ALA n 
1 40  VAL n 
1 41  GLU n 
1 42  ASN n 
1 43  VAL n 
1 44  LYS n 
1 45  SER n 
1 46  ILE n 
1 47  ILE n 
1 48  SER n 
1 49  GLU n 
1 50  ILE n 
1 51  GLU n 
1 52  SER n 
1 53  THR n 
1 54  ASP n 
1 55  GLU n 
1 56  ALA n 
1 57  ILE n 
1 58  ALA n 
1 59  ALA n 
1 60  ARG n 
1 61  ARG n 
1 62  GLY n 
1 63  VAL n 
1 64  SER n 
1 65  ASP n 
1 66  VAL n 
1 67  THR n 
1 68  GLN n 
1 69  LYS n 
1 70  LEU n 
1 71  LYS n 
1 72  GLY n 
1 73  LEU n 
1 74  THR n 
1 75  ILE n 
1 76  THR n 
1 77  GLU n 
1 78  ARG n 
1 79  GLY n 
1 80  THR n 
1 81  GLU n 
1 82  ASN n 
1 83  ASP n 
1 84  SER n 
1 85  ALA n 
1 86  ALA n 
1 87  SER n 
1 88  ARG n 
1 89  SER n 
1 90  LEU n 
1 91  GLY n 
1 92  GLU n 
1 93  HIS n 
1 94  PHE n 
1 95  VAL n 
1 96  LYS n 
1 97  ALA n 
1 98  ALA n 
1 99  GLY n 
1 100 ASP n 
1 101 ARG n 
1 102 LEU n 
1 103 LYS n 
1 104 ASN n 
1 105 GLN n 
1 106 ALA n 
1 107 ALA n 
1 108 GLY n 
1 109 ALA n 
1 110 HIS n 
1 111 ILE n 
1 112 GLU n 
1 113 TYR n 
1 114 SER n 
1 115 VAL n 
1 116 PRO n 
1 117 GLU n 
1 118 TYR n 
1 119 GLN n 
1 120 VAL n 
1 121 LYS n 
1 122 GLU n 
1 123 ASP n 
1 124 ALA n 
1 125 HIS n 
1 126 SER n 
1 127 SER n 
1 128 PRO n 
1 129 LYS n 
1 130 ASP n 
1 131 LEU n 
1 132 VAL n 
1 133 GLU n 
1 134 GLY n 
1 135 TRP n 
1 136 GLY n 
1 137 THR n 
1 138 PHE n 
1 139 TYR n 
1 140 GLN n 
1 141 ARG n 
# 
_entity_src_gen.entity_id                          1 
_entity_src_gen.pdbx_src_id                        1 
_entity_src_gen.pdbx_alt_source_flag               sample 
_entity_src_gen.pdbx_seq_type                      ? 
_entity_src_gen.pdbx_beg_seq_num                   ? 
_entity_src_gen.pdbx_end_seq_num                   ? 
_entity_src_gen.gene_src_common_name               ? 
_entity_src_gen.gene_src_genus                     Corynebacterium 
_entity_src_gen.pdbx_gene_src_gene                 DIP0205 
_entity_src_gen.gene_src_species                   'Corynebacterium diphtheriae' 
_entity_src_gen.gene_src_strain                    'NCTC 13129 / Biotype gravis' 
_entity_src_gen.gene_src_tissue                    ? 
_entity_src_gen.gene_src_tissue_fraction           ? 
_entity_src_gen.gene_src_details                   ? 
_entity_src_gen.pdbx_gene_src_fragment             ? 
_entity_src_gen.pdbx_gene_src_scientific_name      'Corynebacterium diphtheriae NCTC 13129' 
_entity_src_gen.pdbx_gene_src_ncbi_taxonomy_id     257309 
_entity_src_gen.pdbx_gene_src_variant              ? 
_entity_src_gen.pdbx_gene_src_cell_line            ? 
_entity_src_gen.pdbx_gene_src_atcc                 700971 
_entity_src_gen.pdbx_gene_src_organ                ? 
_entity_src_gen.pdbx_gene_src_organelle            ? 
_entity_src_gen.pdbx_gene_src_cell                 ? 
_entity_src_gen.pdbx_gene_src_cellular_location    ? 
_entity_src_gen.host_org_common_name               ? 
_entity_src_gen.pdbx_host_org_scientific_name      'Escherichia coli BL21' 
_entity_src_gen.pdbx_host_org_ncbi_taxonomy_id     511693 
_entity_src_gen.host_org_genus                     Escherichia 
_entity_src_gen.pdbx_host_org_gene                 ? 
_entity_src_gen.pdbx_host_org_organ                ? 
_entity_src_gen.host_org_species                   'Escherichia coli' 
_entity_src_gen.pdbx_host_org_tissue               ? 
_entity_src_gen.pdbx_host_org_tissue_fraction      ? 
_entity_src_gen.pdbx_host_org_strain               BL21 
_entity_src_gen.pdbx_host_org_variant              ? 
_entity_src_gen.pdbx_host_org_cell_line            ? 
_entity_src_gen.pdbx_host_org_atcc                 ? 
_entity_src_gen.pdbx_host_org_culture_collection   ? 
_entity_src_gen.pdbx_host_org_cell                 ? 
_entity_src_gen.pdbx_host_org_organelle            ? 
_entity_src_gen.pdbx_host_org_cellular_location    ? 
_entity_src_gen.pdbx_host_org_vector_type          Plasmid 
_entity_src_gen.pdbx_host_org_vector               ? 
_entity_src_gen.host_org_details                   ? 
_entity_src_gen.expression_system_id               ? 
_entity_src_gen.plasmid_name                       pDM68 
_entity_src_gen.plasmid_details                    ? 
_entity_src_gen.pdbx_description                   ? 
# 
loop_
_chem_comp.id 
_chem_comp.type 
_chem_comp.mon_nstd_flag 
_chem_comp.name 
_chem_comp.pdbx_synonyms 
_chem_comp.formula 
_chem_comp.formula_weight 
ALA 'L-peptide linking' y ALANINE          ? 'C3 H7 N O2'     89.093  
ARG 'L-peptide linking' y ARGININE         ? 'C6 H15 N4 O2 1' 175.209 
ASN 'L-peptide linking' y ASPARAGINE       ? 'C4 H8 N2 O3'    132.118 
ASP 'L-peptide linking' y 'ASPARTIC ACID'  ? 'C4 H7 N O4'     133.103 
GLN 'L-peptide linking' y GLUTAMINE        ? 'C5 H10 N2 O3'   146.144 
GLU 'L-peptide linking' y 'GLUTAMIC ACID'  ? 'C5 H9 N O4'     147.129 
GLY 'peptide linking'   y GLYCINE          ? 'C2 H5 N O2'     75.067  
HIS 'L-peptide linking' y HISTIDINE        ? 'C6 H10 N3 O2 1' 156.162 
HOH non-polymer         . WATER            ? 'H2 O'           18.015  
ILE 'L-peptide linking' y ISOLEUCINE       ? 'C6 H13 N O2'    131.173 
LEU 'L-peptide linking' y LEUCINE          ? 'C6 H13 N O2'    131.173 
LYS 'L-peptide linking' y LYSINE           ? 'C6 H15 N2 O2 1' 147.195 
MSE 'L-peptide linking' n SELENOMETHIONINE ? 'C5 H11 N O2 Se' 196.106 
PHE 'L-peptide linking' y PHENYLALANINE    ? 'C9 H11 N O2'    165.189 
PRO 'L-peptide linking' y PROLINE          ? 'C5 H9 N O2'     115.130 
SER 'L-peptide linking' y SERINE           ? 'C3 H7 N O3'     105.093 
THR 'L-peptide linking' y THREONINE        ? 'C4 H9 N O3'     119.119 
TRP 'L-peptide linking' y TRYPTOPHAN       ? 'C11 H12 N2 O2'  204.225 
TYR 'L-peptide linking' y TYROSINE         ? 'C9 H11 N O3'    181.189 
VAL 'L-peptide linking' y VALINE           ? 'C5 H11 N O2'    117.146 
# 
loop_
_pdbx_poly_seq_scheme.asym_id 
_pdbx_poly_seq_scheme.entity_id 
_pdbx_poly_seq_scheme.seq_id 
_pdbx_poly_seq_scheme.mon_id 
_pdbx_poly_seq_scheme.ndb_seq_num 
_pdbx_poly_seq_scheme.pdb_seq_num 
_pdbx_poly_seq_scheme.auth_seq_num 
_pdbx_poly_seq_scheme.pdb_mon_id 
_pdbx_poly_seq_scheme.auth_mon_id 
_pdbx_poly_seq_scheme.pdb_strand_id 
_pdbx_poly_seq_scheme.pdb_ins_code 
_pdbx_poly_seq_scheme.hetero 
A 1 1   SER 1   -2  ?  ?   ?   A . n 
A 1 2   ASN 2   -1  ?  ?   ?   A . n 
A 1 3   ALA 3   0   ?  ?   ?   A . n 
A 1 4   MSE 4   1   1  MSE MSE A . n 
A 1 5   ASN 5   2   2  ASN ASN A . n 
A 1 6   LEU 6   3   3  LEU LEU A . n 
A 1 7   LYS 7   4   4  LYS LYS A . n 
A 1 8   ASP 8   5   5  ASP ASP A . n 
A 1 9   LEU 9   6   6  LEU LEU A . n 
A 1 10  LEU 10  7   7  LEU LEU A . n 
A 1 11  ALA 11  8   8  ALA ALA A . n 
A 1 12  HIS 12  9   9  HIS HIS A . n 
A 1 13  ARG 13  10  10 ARG ARG A . n 
A 1 14  GLU 14  11  11 GLU GLU A . n 
A 1 15  ASN 15  12  12 ASN ASN A . n 
A 1 16  LEU 16  13  13 LEU LEU A . n 
A 1 17  MSE 17  14  14 MSE MSE A . n 
A 1 18  ASP 18  15  15 ASP ASP A . n 
A 1 19  SER 19  16  16 SER SER A . n 
A 1 20  ALA 20  17  17 ALA ALA A . n 
A 1 21  LYS 21  18  18 LYS LYS A . n 
A 1 22  ARG 22  19  19 ARG ARG A . n 
A 1 23  ALA 23  20  20 ALA ALA A . n 
A 1 24  ARG 24  21  21 ARG ARG A . n 
A 1 25  SER 25  22  22 SER SER A . n 
A 1 26  ALA 26  23  23 ALA ALA A . n 
A 1 27  ILE 27  24  24 ILE ILE A . n 
A 1 28  THR 28  25  25 THR THR A . n 
A 1 29  ASP 29  26  26 ASP ASP A . n 
A 1 30  ASP 30  27  27 ASP ASP A . n 
A 1 31  MSE 31  28  28 MSE MSE A . n 
A 1 32  ASP 32  29  29 ASP ASP A . n 
A 1 33  PRO 33  30  30 PRO PRO A . n 
A 1 34  ALA 34  31  31 ALA ALA A . n 
A 1 35  ASP 35  32  32 ASP ASP A . n 
A 1 36  ALA 36  33  33 ALA ALA A . n 
A 1 37  ALA 37  34  34 ALA ALA A . n 
A 1 38  GLN 38  35  35 GLN GLN A . n 
A 1 39  ALA 39  36  36 ALA ALA A . n 
A 1 40  VAL 40  37  37 VAL VAL A . n 
A 1 41  GLU 41  38  38 GLU GLU A . n 
A 1 42  ASN 42  39  39 ASN ASN A . n 
A 1 43  VAL 43  40  40 VAL VAL A . n 
A 1 44  LYS 44  41  41 LYS LYS A . n 
A 1 45  SER 45  42  42 SER SER A . n 
A 1 46  ILE 46  43  43 ILE ILE A . n 
A 1 47  ILE 47  44  44 ILE ILE A . n 
A 1 48  SER 48  45  45 SER SER A . n 
A 1 49  GLU 49  46  46 GLU GLU A . n 
A 1 50  ILE 50  47  47 ILE ILE A . n 
A 1 51  GLU 51  48  48 GLU GLU A . n 
A 1 52  SER 52  49  49 SER SER A . n 
A 1 53  THR 53  50  50 THR THR A . n 
A 1 54  ASP 54  51  51 ASP ASP A . n 
A 1 55  GLU 55  52  52 GLU GLU A . n 
A 1 56  ALA 56  53  53 ALA ALA A . n 
A 1 57  ILE 57  54  54 ILE ILE A . n 
A 1 58  ALA 58  55  55 ALA ALA A . n 
A 1 59  ALA 59  56  56 ALA ALA A . n 
A 1 60  ARG 60  57  57 ARG ARG A . n 
A 1 61  ARG 61  58  58 ARG ARG A . n 
A 1 62  GLY 62  59  59 GLY GLY A . n 
A 1 63  VAL 63  60  60 VAL VAL A . n 
A 1 64  SER 64  61  61 SER SER A . n 
A 1 65  ASP 65  62  62 ASP ASP A . n 
A 1 66  VAL 66  63  63 VAL VAL A . n 
A 1 67  THR 67  64  64 THR THR A . n 
A 1 68  GLN 68  65  65 GLN GLN A . n 
A 1 69  LYS 69  66  66 LYS LYS A . n 
A 1 70  LEU 70  67  67 LEU LEU A . n 
A 1 71  LYS 71  68  68 LYS LYS A . n 
A 1 72  GLY 72  69  69 GLY GLY A . n 
A 1 73  LEU 73  70  70 LEU LEU A . n 
A 1 74  THR 74  71  71 THR THR A . n 
A 1 75  ILE 75  72  72 ILE ILE A . n 
A 1 76  THR 76  73  ?  ?   ?   A . n 
A 1 77  GLU 77  74  ?  ?   ?   A . n 
A 1 78  ARG 78  75  ?  ?   ?   A . n 
A 1 79  GLY 79  76  ?  ?   ?   A . n 
A 1 80  THR 80  77  ?  ?   ?   A . n 
A 1 81  GLU 81  78  ?  ?   ?   A . n 
A 1 82  ASN 82  79  ?  ?   ?   A . n 
A 1 83  ASP 83  80  ?  ?   ?   A . n 
A 1 84  SER 84  81  ?  ?   ?   A . n 
A 1 85  ALA 85  82  ?  ?   ?   A . n 
A 1 86  ALA 86  83  ?  ?   ?   A . n 
A 1 87  SER 87  84  ?  ?   ?   A . n 
A 1 88  ARG 88  85  ?  ?   ?   A . n 
A 1 89  SER 89  86  ?  ?   ?   A . n 
A 1 90  LEU 90  87  ?  ?   ?   A . n 
A 1 91  GLY 91  88  ?  ?   ?   A . n 
A 1 92  GLU 92  89  ?  ?   ?   A . n 
A 1 93  HIS 93  90  ?  ?   ?   A . n 
A 1 94  PHE 94  91  ?  ?   ?   A . n 
A 1 95  VAL 95  92  ?  ?   ?   A . n 
A 1 96  LYS 96  93  ?  ?   ?   A . n 
A 1 97  ALA 97  94  ?  ?   ?   A . n 
A 1 98  ALA 98  95  ?  ?   ?   A . n 
A 1 99  GLY 99  96  ?  ?   ?   A . n 
A 1 100 ASP 100 97  ?  ?   ?   A . n 
A 1 101 ARG 101 98  ?  ?   ?   A . n 
A 1 102 LEU 102 99  ?  ?   ?   A . n 
A 1 103 LYS 103 100 ?  ?   ?   A . n 
A 1 104 ASN 104 101 ?  ?   ?   A . n 
A 1 105 GLN 105 102 ?  ?   ?   A . n 
A 1 106 ALA 106 103 ?  ?   ?   A . n 
A 1 107 ALA 107 104 ?  ?   ?   A . n 
A 1 108 GLY 108 105 ?  ?   ?   A . n 
A 1 109 ALA 109 106 ?  ?   ?   A . n 
A 1 110 HIS 110 107 ?  ?   ?   A . n 
A 1 111 ILE 111 108 ?  ?   ?   A . n 
A 1 112 GLU 112 109 ?  ?   ?   A . n 
A 1 113 TYR 113 110 ?  ?   ?   A . n 
A 1 114 SER 114 111 ?  ?   ?   A . n 
A 1 115 VAL 115 112 ?  ?   ?   A . n 
A 1 116 PRO 116 113 ?  ?   ?   A . n 
A 1 117 GLU 117 114 ?  ?   ?   A . n 
A 1 118 TYR 118 115 ?  ?   ?   A . n 
A 1 119 GLN 119 116 ?  ?   ?   A . n 
A 1 120 VAL 120 117 ?  ?   ?   A . n 
A 1 121 LYS 121 118 ?  ?   ?   A . n 
A 1 122 GLU 122 119 ?  ?   ?   A . n 
A 1 123 ASP 123 120 ?  ?   ?   A . n 
A 1 124 ALA 124 121 ?  ?   ?   A . n 
A 1 125 HIS 125 122 ?  ?   ?   A . n 
A 1 126 SER 126 123 ?  ?   ?   A . n 
A 1 127 SER 127 124 ?  ?   ?   A . n 
A 1 128 PRO 128 125 ?  ?   ?   A . n 
A 1 129 LYS 129 126 ?  ?   ?   A . n 
A 1 130 ASP 130 127 ?  ?   ?   A . n 
A 1 131 LEU 131 128 ?  ?   ?   A . n 
A 1 132 VAL 132 129 ?  ?   ?   A . n 
A 1 133 GLU 133 130 ?  ?   ?   A . n 
A 1 134 GLY 134 131 ?  ?   ?   A . n 
A 1 135 TRP 135 132 ?  ?   ?   A . n 
A 1 136 GLY 136 133 ?  ?   ?   A . n 
A 1 137 THR 137 134 ?  ?   ?   A . n 
A 1 138 PHE 138 135 ?  ?   ?   A . n 
A 1 139 TYR 139 136 ?  ?   ?   A . n 
A 1 140 GLN 140 137 ?  ?   ?   A . n 
A 1 141 ARG 141 138 ?  ?   ?   A . n 
# 
loop_
_pdbx_nonpoly_scheme.asym_id 
_pdbx_nonpoly_scheme.entity_id 
_pdbx_nonpoly_scheme.mon_id 
_pdbx_nonpoly_scheme.ndb_seq_num 
_pdbx_nonpoly_scheme.pdb_seq_num 
_pdbx_nonpoly_scheme.auth_seq_num 
_pdbx_nonpoly_scheme.pdb_mon_id 
_pdbx_nonpoly_scheme.auth_mon_id 
_pdbx_nonpoly_scheme.pdb_strand_id 
_pdbx_nonpoly_scheme.pdb_ins_code 
B 2 HOH 1 139 2  HOH HOH A . 
B 2 HOH 2 140 5  HOH HOH A . 
B 2 HOH 3 141 6  HOH HOH A . 
B 2 HOH 4 142 7  HOH HOH A . 
B 2 HOH 5 143 8  HOH HOH A . 
B 2 HOH 6 144 9  HOH HOH A . 
B 2 HOH 7 145 10 HOH HOH A . 
B 2 HOH 8 146 4  HOH HOH A . 
B 2 HOH 9 147 7  HOH HOH A . 
# 
loop_
_software.name 
_software.classification 
_software.version 
_software.citation_id 
_software.pdbx_ordinal 
REFMAC      refinement        5.2.0019 ? 1 
SBC-Collect 'data collection' .        ? 2 
HKL-3000    'data reduction'  .        ? 3 
HKL-3000    'data scaling'    .        ? 4 
MLPHARE     phasing           .        ? 5 
# 
_cell.entry_id           2R9I 
_cell.length_a           102.905 
_cell.length_b           102.905 
_cell.length_c           102.905 
_cell.angle_alpha        90.00 
_cell.angle_beta         90.00 
_cell.angle_gamma        90.00 
_cell.Z_PDB              24 
_cell.pdbx_unique_axis   ? 
_cell.length_a_esd       ? 
_cell.length_b_esd       ? 
_cell.length_c_esd       ? 
_cell.angle_alpha_esd    ? 
_cell.angle_beta_esd     ? 
_cell.angle_gamma_esd    ? 
# 
_symmetry.entry_id                         2R9I 
_symmetry.space_group_name_H-M             'I 2 3' 
_symmetry.pdbx_full_space_group_name_H-M   ? 
_symmetry.cell_setting                     ? 
_symmetry.Int_Tables_number                197 
_symmetry.space_group_name_Hall            ? 
# 
_exptl.entry_id          2R9I 
_exptl.method            'X-RAY DIFFRACTION' 
_exptl.crystals_number   1 
# 
_exptl_crystal.id                    1 
_exptl_crystal.density_meas          ? 
_exptl_crystal.density_Matthews      2.93 
_exptl_crystal.density_percent_sol   57.95 
_exptl_crystal.description           ? 
_exptl_crystal.F_000                 ? 
_exptl_crystal.preparation           ? 
# 
_exptl_crystal_grow.crystal_id      1 
_exptl_crystal_grow.method          'VAPOR DIFFUSION, SITTING DROP' 
_exptl_crystal_grow.temp            298 
_exptl_crystal_grow.temp_details    ? 
_exptl_crystal_grow.pH              7.0 
_exptl_crystal_grow.pdbx_details    
'0.1M Bis-tris propane pH 7.0, 3.5M Sodium formate, VAPOR DIFFUSION, SITTING DROP, temperature 298K' 
_exptl_crystal_grow.pdbx_pH_range   . 
# 
_diffrn.id                     1 
_diffrn.ambient_temp           100 
_diffrn.ambient_temp_details   ? 
_diffrn.crystal_id             1 
# 
_diffrn_detector.diffrn_id              1 
_diffrn_detector.detector               CCD 
_diffrn_detector.type                   SBC-2 
_diffrn_detector.pdbx_collection_date   2007-08-19 
_diffrn_detector.details                mirrors 
# 
_diffrn_radiation.diffrn_id                        1 
_diffrn_radiation.wavelength_id                    1 
_diffrn_radiation.pdbx_monochromatic_or_laue_m_l   M 
_diffrn_radiation.monochromator                    'Si 111 channel' 
_diffrn_radiation.pdbx_diffrn_protocol             'SINGLE WAVELENGTH' 
_diffrn_radiation.pdbx_scattering_type             x-ray 
# 
_diffrn_radiation_wavelength.id           1 
_diffrn_radiation_wavelength.wavelength   0.97980 
_diffrn_radiation_wavelength.wt           1.0 
# 
_diffrn_source.diffrn_id                   1 
_diffrn_source.source                      SYNCHROTRON 
_diffrn_source.type                        'APS BEAMLINE 19-BM' 
_diffrn_source.pdbx_synchrotron_site       APS 
_diffrn_source.pdbx_synchrotron_beamline   19-BM 
_diffrn_source.pdbx_wavelength             ? 
_diffrn_source.pdbx_wavelength_list        0.97980 
# 
_reflns.entry_id                     2R9I 
_reflns.observed_criterion_sigma_I   0 
_reflns.observed_criterion_sigma_F   ? 
_reflns.d_resolution_low             50 
_reflns.d_resolution_high            2.6 
_reflns.number_obs                   5692 
_reflns.number_all                   5692 
_reflns.percent_possible_obs         99.7 
_reflns.pdbx_Rmerge_I_obs            0.084 
_reflns.pdbx_Rsym_value              ? 
_reflns.pdbx_netI_over_sigmaI        46.2 
_reflns.B_iso_Wilson_estimate        80.16 
_reflns.pdbx_redundancy              20.4 
_reflns.R_free_details               ? 
_reflns.limit_h_max                  ? 
_reflns.limit_h_min                  ? 
_reflns.limit_k_max                  ? 
_reflns.limit_k_min                  ? 
_reflns.limit_l_max                  ? 
_reflns.limit_l_min                  ? 
_reflns.observed_criterion_F_max     ? 
_reflns.observed_criterion_F_min     ? 
_reflns.pdbx_chi_squared             ? 
_reflns.pdbx_scaling_rejects         ? 
_reflns.pdbx_ordinal                 1 
_reflns.pdbx_diffrn_id               1 
# 
_reflns_shell.d_res_high             2.6 
_reflns_shell.d_res_low              2.69 
_reflns_shell.percent_possible_all   100 
_reflns_shell.Rmerge_I_obs           0.798 
_reflns_shell.pdbx_Rsym_value        ? 
_reflns_shell.meanI_over_sigI_obs    2.8 
_reflns_shell.pdbx_redundancy        21.1 
_reflns_shell.percent_possible_obs   ? 
_reflns_shell.number_unique_all      ? 
_reflns_shell.number_measured_all    ? 
_reflns_shell.number_measured_obs    ? 
_reflns_shell.number_unique_obs      ? 
_reflns_shell.pdbx_chi_squared       ? 
_reflns_shell.pdbx_ordinal           1 
_reflns_shell.pdbx_diffrn_id         1 
# 
_refine.entry_id                                 2R9I 
_refine.ls_number_reflns_obs                     5416 
_refine.ls_number_reflns_all                     5416 
_refine.pdbx_ls_sigma_I                          ? 
_refine.pdbx_ls_sigma_F                          0.000 
_refine.pdbx_data_cutoff_high_absF               ? 
_refine.pdbx_data_cutoff_low_absF                ? 
_refine.pdbx_data_cutoff_high_rms_absF           ? 
_refine.ls_d_res_low                             32.55 
_refine.ls_d_res_high                            2.60 
_refine.ls_percent_reflns_obs                    99.58 
_refine.ls_R_factor_obs                          0.21967 
_refine.ls_R_factor_all                          ? 
_refine.ls_R_factor_R_work                       0.21858 
_refine.ls_R_factor_R_free                       0.24184 
_refine.ls_R_factor_R_free_error                 ? 
_refine.ls_R_factor_R_free_error_details         ? 
_refine.ls_percent_reflns_R_free                 4.5 
_refine.ls_number_reflns_R_free                  258 
_refine.ls_number_parameters                     ? 
_refine.ls_number_restraints                     ? 
_refine.occupancy_min                            ? 
_refine.occupancy_max                            ? 
_refine.correlation_coeff_Fo_to_Fc               0.948 
_refine.correlation_coeff_Fo_to_Fc_free          0.952 
_refine.B_iso_mean                               74.252 
_refine.aniso_B[1][1]                            ? 
_refine.aniso_B[2][2]                            ? 
_refine.aniso_B[3][3]                            ? 
_refine.aniso_B[1][2]                            ? 
_refine.aniso_B[1][3]                            ? 
_refine.aniso_B[2][3]                            ? 
_refine.solvent_model_details                    MASK 
_refine.solvent_model_param_ksol                 ? 
_refine.solvent_model_param_bsol                 ? 
_refine.pdbx_solvent_vdw_probe_radii             1.20 
_refine.pdbx_solvent_ion_probe_radii             0.80 
_refine.pdbx_solvent_shrinkage_radii             0.80 
_refine.pdbx_ls_cross_valid_method               THROUGHOUT 
_refine.details                                  
'HYDROGENS HAVE BEEN ADDED IN THE RIDING POSITIONS. Residues 73-138 are missing in coordinates due to lack of electron density' 
_refine.pdbx_starting_model                      ? 
_refine.pdbx_method_to_determine_struct          SAD 
_refine.pdbx_isotropic_thermal_model             ? 
_refine.pdbx_stereochemistry_target_values       'MAXIMUM LIKELIHOOD WITH PHASES' 
_refine.pdbx_stereochem_target_val_spec_case     ? 
_refine.pdbx_R_Free_selection_details            RANDOM 
_refine.pdbx_overall_ESU_R                       0.240 
_refine.pdbx_overall_ESU_R_Free                  0.204 
_refine.overall_SU_ML                            0.156 
_refine.overall_SU_B                             15.927 
_refine.ls_redundancy_reflns_obs                 ? 
_refine.B_iso_min                                ? 
_refine.B_iso_max                                ? 
_refine.overall_SU_R_Cruickshank_DPI             ? 
_refine.overall_SU_R_free                        ? 
_refine.ls_wR_factor_R_free                      ? 
_refine.ls_wR_factor_R_work                      ? 
_refine.overall_FOM_free_R_set                   ? 
_refine.overall_FOM_work_R_set                   ? 
_refine.pdbx_refine_id                           'X-RAY DIFFRACTION' 
_refine.pdbx_TLS_residual_ADP_flag               'LIKELY RESIDUAL' 
_refine.pdbx_diffrn_id                           1 
_refine.pdbx_overall_phase_error                 ? 
_refine.pdbx_overall_SU_R_free_Cruickshank_DPI   ? 
_refine.pdbx_overall_SU_R_Blow_DPI               ? 
_refine.pdbx_overall_SU_R_free_Blow_DPI          ? 
# 
_refine_hist.pdbx_refine_id                   'X-RAY DIFFRACTION' 
_refine_hist.cycle_id                         LAST 
_refine_hist.pdbx_number_atoms_protein        543 
_refine_hist.pdbx_number_atoms_nucleic_acid   0 
_refine_hist.pdbx_number_atoms_ligand         0 
_refine_hist.number_atoms_solvent             9 
_refine_hist.number_atoms_total               552 
_refine_hist.d_res_high                       2.60 
_refine_hist.d_res_low                        32.55 
# 
loop_
_refine_ls_restr.type 
_refine_ls_restr.dev_ideal 
_refine_ls_restr.dev_ideal_target 
_refine_ls_restr.weight 
_refine_ls_restr.number 
_refine_ls_restr.pdbx_refine_id 
_refine_ls_restr.pdbx_restraint_function 
r_bond_refined_d             0.014  0.022  ? 543 'X-RAY DIFFRACTION' ? 
r_bond_other_d               ?      ?      ? ?   'X-RAY DIFFRACTION' ? 
r_angle_refined_deg          1.917  1.971  ? 730 'X-RAY DIFFRACTION' ? 
r_angle_other_deg            ?      ?      ? ?   'X-RAY DIFFRACTION' ? 
r_dihedral_angle_1_deg       11.173 5.000  ? 71  'X-RAY DIFFRACTION' ? 
r_dihedral_angle_2_deg       43.712 25.600 ? 25  'X-RAY DIFFRACTION' ? 
r_dihedral_angle_3_deg       23.856 15.000 ? 106 'X-RAY DIFFRACTION' ? 
r_dihedral_angle_4_deg       21.106 15.000 ? 5   'X-RAY DIFFRACTION' ? 
r_chiral_restr               0.186  0.200  ? 89  'X-RAY DIFFRACTION' ? 
r_gen_planes_refined         0.005  0.020  ? 395 'X-RAY DIFFRACTION' ? 
r_gen_planes_other           ?      ?      ? ?   'X-RAY DIFFRACTION' ? 
r_nbd_refined                0.254  0.200  ? 236 'X-RAY DIFFRACTION' ? 
r_nbd_other                  ?      ?      ? ?   'X-RAY DIFFRACTION' ? 
r_nbtor_refined              0.294  0.200  ? 376 'X-RAY DIFFRACTION' ? 
r_nbtor_other                ?      ?      ? ?   'X-RAY DIFFRACTION' ? 
r_xyhbond_nbd_refined        0.190  0.200  ? 17  'X-RAY DIFFRACTION' ? 
r_xyhbond_nbd_other          ?      ?      ? ?   'X-RAY DIFFRACTION' ? 
r_metal_ion_refined          ?      ?      ? ?   'X-RAY DIFFRACTION' ? 
r_metal_ion_other            ?      ?      ? ?   'X-RAY DIFFRACTION' ? 
r_symmetry_vdw_refined       0.298  0.200  ? 26  'X-RAY DIFFRACTION' ? 
r_symmetry_vdw_other         ?      ?      ? ?   'X-RAY DIFFRACTION' ? 
r_symmetry_hbond_refined     0.256  0.200  ? 4   'X-RAY DIFFRACTION' ? 
r_symmetry_hbond_other       ?      ?      ? ?   'X-RAY DIFFRACTION' ? 
r_symmetry_metal_ion_refined ?      ?      ? ?   'X-RAY DIFFRACTION' ? 
r_symmetry_metal_ion_other   ?      ?      ? ?   'X-RAY DIFFRACTION' ? 
r_mcbond_it                  0.749  1.500  ? 364 'X-RAY DIFFRACTION' ? 
r_mcbond_other               ?      ?      ? ?   'X-RAY DIFFRACTION' ? 
r_mcangle_it                 1.454  2.000  ? 573 'X-RAY DIFFRACTION' ? 
r_scbond_it                  2.409  3.000  ? 187 'X-RAY DIFFRACTION' ? 
r_scangle_it                 4.460  4.500  ? 157 'X-RAY DIFFRACTION' ? 
r_rigid_bond_restr           ?      ?      ? ?   'X-RAY DIFFRACTION' ? 
r_sphericity_free            ?      ?      ? ?   'X-RAY DIFFRACTION' ? 
r_sphericity_bonded          ?      ?      ? ?   'X-RAY DIFFRACTION' ? 
# 
_refine_ls_shell.pdbx_total_number_of_bins_used   20 
_refine_ls_shell.d_res_high                       2.60 
_refine_ls_shell.d_res_low                        2.67 
_refine_ls_shell.number_reflns_R_work             392 
_refine_ls_shell.R_factor_R_work                  0.326 
_refine_ls_shell.percent_reflns_obs               100.00 
_refine_ls_shell.R_factor_R_free                  0.508 
_refine_ls_shell.R_factor_R_free_error            ? 
_refine_ls_shell.percent_reflns_R_free            ? 
_refine_ls_shell.number_reflns_R_free             16 
_refine_ls_shell.number_reflns_all                ? 
_refine_ls_shell.R_factor_all                     ? 
_refine_ls_shell.redundancy_reflns_obs            ? 
_refine_ls_shell.number_reflns_obs                ? 
_refine_ls_shell.pdbx_refine_id                   'X-RAY DIFFRACTION' 
# 
_struct.entry_id                  2R9I 
_struct.title                     'Crystal structure of putative phage capsid protein domain from Corynebacterium diphtheriae' 
_struct.pdbx_model_details        ? 
_struct.pdbx_CASP_flag            ? 
_struct.pdbx_model_type_details   ? 
# 
_struct_keywords.entry_id        2R9I 
_struct_keywords.pdbx_keywords   'STRUCTURAL GENOMICS, UNKNOWN FUNCTION' 
_struct_keywords.text            
;Putative phage capsid domain, PSI-2, Protein Structure Initiative, Structural Genomics, Midwest Center for Structural Genomics, MCSG, UNKNOWN FUNCTION
;
# 
loop_
_struct_asym.id 
_struct_asym.pdbx_blank_PDB_chainid_flag 
_struct_asym.pdbx_modified 
_struct_asym.entity_id 
_struct_asym.details 
A N N 1 ? 
B N N 2 ? 
# 
_struct_ref.id                         1 
_struct_ref.db_name                    UNP 
_struct_ref.db_code                    Q6NK34_CORDI 
_struct_ref.pdbx_db_accession          Q6NK34 
_struct_ref.entity_id                  1 
_struct_ref.pdbx_seq_one_letter_code   
;MNLKDLLAHRENLMDSAKRARSAITDDMDPADAAQAVENVKSIISEIESTDEAIAARRGVSDVTQKLKGLTITERGTEND
SAASRSLGEHFVKAAGDRLKNQAAGAHIEYSVPEYQVKEDAHSSPKDLVEGWGTFYQR
;
_struct_ref.pdbx_align_begin           1 
_struct_ref.pdbx_db_isoform            ? 
# 
_struct_ref_seq.align_id                      1 
_struct_ref_seq.ref_id                        1 
_struct_ref_seq.pdbx_PDB_id_code              2R9I 
_struct_ref_seq.pdbx_strand_id                A 
_struct_ref_seq.seq_align_beg                 4 
_struct_ref_seq.pdbx_seq_align_beg_ins_code   ? 
_struct_ref_seq.seq_align_end                 141 
_struct_ref_seq.pdbx_seq_align_end_ins_code   ? 
_struct_ref_seq.pdbx_db_accession             Q6NK34 
_struct_ref_seq.db_align_beg                  1 
_struct_ref_seq.pdbx_db_align_beg_ins_code    ? 
_struct_ref_seq.db_align_end                  138 
_struct_ref_seq.pdbx_db_align_end_ins_code    ? 
_struct_ref_seq.pdbx_auth_seq_align_beg       1 
_struct_ref_seq.pdbx_auth_seq_align_end       138 
# 
loop_
_struct_ref_seq_dif.align_id 
_struct_ref_seq_dif.pdbx_pdb_id_code 
_struct_ref_seq_dif.mon_id 
_struct_ref_seq_dif.pdbx_pdb_strand_id 
_struct_ref_seq_dif.seq_num 
_struct_ref_seq_dif.pdbx_pdb_ins_code 
_struct_ref_seq_dif.pdbx_seq_db_name 
_struct_ref_seq_dif.pdbx_seq_db_accession_code 
_struct_ref_seq_dif.db_mon_id 
_struct_ref_seq_dif.pdbx_seq_db_seq_num 
_struct_ref_seq_dif.details 
_struct_ref_seq_dif.pdbx_auth_seq_num 
_struct_ref_seq_dif.pdbx_ordinal 
1 2R9I SER A 1 ? UNP Q6NK34 ? ? 'expression tag' -2 1 
1 2R9I ASN A 2 ? UNP Q6NK34 ? ? 'expression tag' -1 2 
1 2R9I ALA A 3 ? UNP Q6NK34 ? ? 'expression tag' 0  3 
# 
_pdbx_struct_assembly.id                   1 
_pdbx_struct_assembly.details              author_and_software_defined_assembly 
_pdbx_struct_assembly.method_details       PISA 
_pdbx_struct_assembly.oligomeric_details   monomeric 
_pdbx_struct_assembly.oligomeric_count     1 
# 
_pdbx_struct_assembly_gen.assembly_id       1 
_pdbx_struct_assembly_gen.oper_expression   1 
_pdbx_struct_assembly_gen.asym_id_list      A,B 
# 
_pdbx_struct_oper_list.id                   1 
_pdbx_struct_oper_list.type                 'identity operation' 
_pdbx_struct_oper_list.name                 1_555 
_pdbx_struct_oper_list.symmetry_operation   x,y,z 
_pdbx_struct_oper_list.matrix[1][1]         1.0000000000 
_pdbx_struct_oper_list.matrix[1][2]         0.0000000000 
_pdbx_struct_oper_list.matrix[1][3]         0.0000000000 
_pdbx_struct_oper_list.vector[1]            0.0000000000 
_pdbx_struct_oper_list.matrix[2][1]         0.0000000000 
_pdbx_struct_oper_list.matrix[2][2]         1.0000000000 
_pdbx_struct_oper_list.matrix[2][3]         0.0000000000 
_pdbx_struct_oper_list.vector[2]            0.0000000000 
_pdbx_struct_oper_list.matrix[3][1]         0.0000000000 
_pdbx_struct_oper_list.matrix[3][2]         0.0000000000 
_pdbx_struct_oper_list.matrix[3][3]         1.0000000000 
_pdbx_struct_oper_list.vector[3]            0.0000000000 
# 
_struct_biol.id        1 
_struct_biol.details   ? 
# 
loop_
_struct_conf.conf_type_id 
_struct_conf.id 
_struct_conf.pdbx_PDB_helix_id 
_struct_conf.beg_label_comp_id 
_struct_conf.beg_label_asym_id 
_struct_conf.beg_label_seq_id 
_struct_conf.pdbx_beg_PDB_ins_code 
_struct_conf.end_label_comp_id 
_struct_conf.end_label_asym_id 
_struct_conf.end_label_seq_id 
_struct_conf.pdbx_end_PDB_ins_code 
_struct_conf.beg_auth_comp_id 
_struct_conf.beg_auth_asym_id 
_struct_conf.beg_auth_seq_id 
_struct_conf.end_auth_comp_id 
_struct_conf.end_auth_asym_id 
_struct_conf.end_auth_seq_id 
_struct_conf.pdbx_PDB_helix_class 
_struct_conf.details 
_struct_conf.pdbx_PDB_helix_length 
HELX_P HELX_P1 1 ASN A 5  ? ILE A 27 ? ASN A 2  ILE A 24 1 ? 23 
HELX_P HELX_P2 2 ASP A 32 ? GLY A 72 ? ASP A 29 GLY A 69 1 ? 41 
# 
_struct_conf_type.id          HELX_P 
_struct_conf_type.criteria    ? 
_struct_conf_type.reference   ? 
# 
loop_
_struct_conn.id 
_struct_conn.conn_type_id 
_struct_conn.pdbx_leaving_atom_flag 
_struct_conn.pdbx_PDB_id 
_struct_conn.ptnr1_label_asym_id 
_struct_conn.ptnr1_label_comp_id 
_struct_conn.ptnr1_label_seq_id 
_struct_conn.ptnr1_label_atom_id 
_struct_conn.pdbx_ptnr1_label_alt_id 
_struct_conn.pdbx_ptnr1_PDB_ins_code 
_struct_conn.pdbx_ptnr1_standard_comp_id 
_struct_conn.ptnr1_symmetry 
_struct_conn.ptnr2_label_asym_id 
_struct_conn.ptnr2_label_comp_id 
_struct_conn.ptnr2_label_seq_id 
_struct_conn.ptnr2_label_atom_id 
_struct_conn.pdbx_ptnr2_label_alt_id 
_struct_conn.pdbx_ptnr2_PDB_ins_code 
_struct_conn.ptnr1_auth_asym_id 
_struct_conn.ptnr1_auth_comp_id 
_struct_conn.ptnr1_auth_seq_id 
_struct_conn.ptnr2_auth_asym_id 
_struct_conn.ptnr2_auth_comp_id 
_struct_conn.ptnr2_auth_seq_id 
_struct_conn.ptnr2_symmetry 
_struct_conn.pdbx_ptnr3_label_atom_id 
_struct_conn.pdbx_ptnr3_label_seq_id 
_struct_conn.pdbx_ptnr3_label_comp_id 
_struct_conn.pdbx_ptnr3_label_asym_id 
_struct_conn.pdbx_ptnr3_label_alt_id 
_struct_conn.pdbx_ptnr3_PDB_ins_code 
_struct_conn.details 
_struct_conn.pdbx_dist_value 
_struct_conn.pdbx_value_order 
_struct_conn.pdbx_role 
covale1 covale both ? A MSE 4  C ? ? ? 1_555 A ASN 5  N ? ? A MSE 1  A ASN 2  1_555 ? ? ? ? ? ? ? 1.329 ? ? 
covale2 covale both ? A LEU 16 C ? ? ? 1_555 A MSE 17 N ? ? A LEU 13 A MSE 14 1_555 ? ? ? ? ? ? ? 1.309 ? ? 
covale3 covale both ? A MSE 17 C ? ? ? 1_555 A ASP 18 N ? ? A MSE 14 A ASP 15 1_555 ? ? ? ? ? ? ? 1.306 ? ? 
covale4 covale both ? A ASP 30 C ? ? ? 1_555 A MSE 31 N ? ? A ASP 27 A MSE 28 1_555 ? ? ? ? ? ? ? 1.329 ? ? 
covale5 covale both ? A MSE 31 C ? ? ? 1_555 A ASP 32 N ? ? A MSE 28 A ASP 29 1_555 ? ? ? ? ? ? ? 1.329 ? ? 
# 
_struct_conn_type.id          covale 
_struct_conn_type.criteria    ? 
_struct_conn_type.reference   ? 
# 
loop_
_pdbx_modification_feature.ordinal 
_pdbx_modification_feature.label_comp_id 
_pdbx_modification_feature.label_asym_id 
_pdbx_modification_feature.label_seq_id 
_pdbx_modification_feature.label_alt_id 
_pdbx_modification_feature.modified_residue_label_comp_id 
_pdbx_modification_feature.modified_residue_label_asym_id 
_pdbx_modification_feature.modified_residue_label_seq_id 
_pdbx_modification_feature.modified_residue_label_alt_id 
_pdbx_modification_feature.auth_comp_id 
_pdbx_modification_feature.auth_asym_id 
_pdbx_modification_feature.auth_seq_id 
_pdbx_modification_feature.PDB_ins_code 
_pdbx_modification_feature.symmetry 
_pdbx_modification_feature.modified_residue_auth_comp_id 
_pdbx_modification_feature.modified_residue_auth_asym_id 
_pdbx_modification_feature.modified_residue_auth_seq_id 
_pdbx_modification_feature.modified_residue_PDB_ins_code 
_pdbx_modification_feature.modified_residue_symmetry 
_pdbx_modification_feature.comp_id_linking_atom 
_pdbx_modification_feature.modified_residue_id_linking_atom 
_pdbx_modification_feature.modified_residue_id 
_pdbx_modification_feature.ref_pcm_id 
_pdbx_modification_feature.ref_comp_id 
_pdbx_modification_feature.type 
_pdbx_modification_feature.category 
1 MSE A 4  ? . . . . MSE A 1  ? 1_555 . . . . . . . MET 1 MSE Selenomethionine 'Named protein modification' 
2 MSE A 17 ? . . . . MSE A 14 ? 1_555 . . . . . . . MET 1 MSE Selenomethionine 'Named protein modification' 
3 MSE A 31 ? . . . . MSE A 28 ? 1_555 . . . . . . . MET 1 MSE Selenomethionine 'Named protein modification' 
# 
_pdbx_entry_details.entry_id                   2R9I 
_pdbx_entry_details.compound_details           ? 
_pdbx_entry_details.source_details             ? 
_pdbx_entry_details.nonpolymer_details         ? 
_pdbx_entry_details.sequence_details           ? 
_pdbx_entry_details.has_ligand_of_interest     ? 
_pdbx_entry_details.has_protein_modification   Y 
# 
_pdbx_SG_project.id                    1 
_pdbx_SG_project.project_name          'PSI, Protein Structure Initiative' 
_pdbx_SG_project.full_name_of_center   'Midwest Center for Structural Genomics' 
_pdbx_SG_project.initial_of_center     MCSG 
# 
loop_
_pdbx_struct_mod_residue.id 
_pdbx_struct_mod_residue.label_asym_id 
_pdbx_struct_mod_residue.label_comp_id 
_pdbx_struct_mod_residue.label_seq_id 
_pdbx_struct_mod_residue.auth_asym_id 
_pdbx_struct_mod_residue.auth_comp_id 
_pdbx_struct_mod_residue.auth_seq_id 
_pdbx_struct_mod_residue.PDB_ins_code 
_pdbx_struct_mod_residue.parent_comp_id 
_pdbx_struct_mod_residue.details 
1 A MSE 4  A MSE 1  ? MET SELENOMETHIONINE 
2 A MSE 17 A MSE 14 ? MET SELENOMETHIONINE 
3 A MSE 31 A MSE 28 ? MET SELENOMETHIONINE 
# 
_pdbx_refine_tls.id               1 
_pdbx_refine_tls.details          ? 
_pdbx_refine_tls.method           refined 
_pdbx_refine_tls.origin_x         0.1146 
_pdbx_refine_tls.origin_y         -0.0748 
_pdbx_refine_tls.origin_z         0.5030 
_pdbx_refine_tls.T[1][1]          -0.1852 
_pdbx_refine_tls.T[2][2]          -0.0860 
_pdbx_refine_tls.T[3][3]          -0.0920 
_pdbx_refine_tls.T[1][2]          0.0593 
_pdbx_refine_tls.T[1][3]          0.0847 
_pdbx_refine_tls.T[2][3]          0.1446 
_pdbx_refine_tls.L[1][1]          3.8912 
_pdbx_refine_tls.L[2][2]          0.6161 
_pdbx_refine_tls.L[3][3]          9.5687 
_pdbx_refine_tls.L[1][2]          0.2322 
_pdbx_refine_tls.L[1][3]          -3.0574 
_pdbx_refine_tls.L[2][3]          1.2235 
_pdbx_refine_tls.S[1][1]          -0.3101 
_pdbx_refine_tls.S[1][2]          -0.5256 
_pdbx_refine_tls.S[1][3]          -0.7883 
_pdbx_refine_tls.S[2][1]          -0.2267 
_pdbx_refine_tls.S[2][2]          0.2198 
_pdbx_refine_tls.S[2][3]          0.0456 
_pdbx_refine_tls.S[3][1]          0.1453 
_pdbx_refine_tls.S[3][2]          0.6666 
_pdbx_refine_tls.S[3][3]          0.0903 
_pdbx_refine_tls.pdbx_refine_id   'X-RAY DIFFRACTION' 
# 
_pdbx_refine_tls_group.id                  1 
_pdbx_refine_tls_group.refine_tls_id       1 
_pdbx_refine_tls_group.beg_auth_asym_id    A 
_pdbx_refine_tls_group.beg_auth_seq_id     1 
_pdbx_refine_tls_group.beg_label_asym_id   A 
_pdbx_refine_tls_group.beg_label_seq_id    4 
_pdbx_refine_tls_group.end_auth_asym_id    A 
_pdbx_refine_tls_group.end_auth_seq_id     71 
_pdbx_refine_tls_group.end_label_asym_id   A 
_pdbx_refine_tls_group.end_label_seq_id    74 
_pdbx_refine_tls_group.selection           ? 
_pdbx_refine_tls_group.pdbx_refine_id      'X-RAY DIFFRACTION' 
_pdbx_refine_tls_group.selection_details   ? 
# 
loop_
_pdbx_unobs_or_zero_occ_residues.id 
_pdbx_unobs_or_zero_occ_residues.PDB_model_num 
_pdbx_unobs_or_zero_occ_residues.polymer_flag 
_pdbx_unobs_or_zero_occ_residues.occupancy_flag 
_pdbx_unobs_or_zero_occ_residues.auth_asym_id 
_pdbx_unobs_or_zero_occ_residues.auth_comp_id 
_pdbx_unobs_or_zero_occ_residues.auth_seq_id 
_pdbx_unobs_or_zero_occ_residues.PDB_ins_code 
_pdbx_unobs_or_zero_occ_residues.label_asym_id 
_pdbx_unobs_or_zero_occ_residues.label_comp_id 
_pdbx_unobs_or_zero_occ_residues.label_seq_id 
1  1 Y 1 A SER -2  ? A SER 1   
2  1 Y 1 A ASN -1  ? A ASN 2   
3  1 Y 1 A ALA 0   ? A ALA 3   
4  1 Y 1 A THR 73  ? A THR 76  
5  1 Y 1 A GLU 74  ? A GLU 77  
6  1 Y 1 A ARG 75  ? A ARG 78  
7  1 Y 1 A GLY 76  ? A GLY 79  
8  1 Y 1 A THR 77  ? A THR 80  
9  1 Y 1 A GLU 78  ? A GLU 81  
10 1 Y 1 A ASN 79  ? A ASN 82  
11 1 Y 1 A ASP 80  ? A ASP 83  
12 1 Y 1 A SER 81  ? A SER 84  
13 1 Y 1 A ALA 82  ? A ALA 85  
14 1 Y 1 A ALA 83  ? A ALA 86  
15 1 Y 1 A SER 84  ? A SER 87  
16 1 Y 1 A ARG 85  ? A ARG 88  
17 1 Y 1 A SER 86  ? A SER 89  
18 1 Y 1 A LEU 87  ? A LEU 90  
19 1 Y 1 A GLY 88  ? A GLY 91  
20 1 Y 1 A GLU 89  ? A GLU 92  
21 1 Y 1 A HIS 90  ? A HIS 93  
22 1 Y 1 A PHE 91  ? A PHE 94  
23 1 Y 1 A VAL 92  ? A VAL 95  
24 1 Y 1 A LYS 93  ? A LYS 96  
25 1 Y 1 A ALA 94  ? A ALA 97  
26 1 Y 1 A ALA 95  ? A ALA 98  
27 1 Y 1 A GLY 96  ? A GLY 99  
28 1 Y 1 A ASP 97  ? A ASP 100 
29 1 Y 1 A ARG 98  ? A ARG 101 
30 1 Y 1 A LEU 99  ? A LEU 102 
31 1 Y 1 A LYS 100 ? A LYS 103 
32 1 Y 1 A ASN 101 ? A ASN 104 
33 1 Y 1 A GLN 102 ? A GLN 105 
34 1 Y 1 A ALA 103 ? A ALA 106 
35 1 Y 1 A ALA 104 ? A ALA 107 
36 1 Y 1 A GLY 105 ? A GLY 108 
37 1 Y 1 A ALA 106 ? A ALA 109 
38 1 Y 1 A HIS 107 ? A HIS 110 
39 1 Y 1 A ILE 108 ? A ILE 111 
40 1 Y 1 A GLU 109 ? A GLU 112 
41 1 Y 1 A TYR 110 ? A TYR 113 
42 1 Y 1 A SER 111 ? A SER 114 
43 1 Y 1 A VAL 112 ? A VAL 115 
44 1 Y 1 A PRO 113 ? A PRO 116 
45 1 Y 1 A GLU 114 ? A GLU 117 
46 1 Y 1 A TYR 115 ? A TYR 118 
47 1 Y 1 A GLN 116 ? A GLN 119 
48 1 Y 1 A VAL 117 ? A VAL 120 
49 1 Y 1 A LYS 118 ? A LYS 121 
50 1 Y 1 A GLU 119 ? A GLU 122 
51 1 Y 1 A ASP 120 ? A ASP 123 
52 1 Y 1 A ALA 121 ? A ALA 124 
53 1 Y 1 A HIS 122 ? A HIS 125 
54 1 Y 1 A SER 123 ? A SER 126 
55 1 Y 1 A SER 124 ? A SER 127 
56 1 Y 1 A PRO 125 ? A PRO 128 
57 1 Y 1 A LYS 126 ? A LYS 129 
58 1 Y 1 A ASP 127 ? A ASP 130 
59 1 Y 1 A LEU 128 ? A LEU 131 
60 1 Y 1 A VAL 129 ? A VAL 132 
61 1 Y 1 A GLU 130 ? A GLU 133 
62 1 Y 1 A GLY 131 ? A GLY 134 
63 1 Y 1 A TRP 132 ? A TRP 135 
64 1 Y 1 A GLY 133 ? A GLY 136 
65 1 Y 1 A THR 134 ? A THR 137 
66 1 Y 1 A PHE 135 ? A PHE 138 
67 1 Y 1 A TYR 136 ? A TYR 139 
68 1 Y 1 A GLN 137 ? A GLN 140 
69 1 Y 1 A ARG 138 ? A ARG 141 
# 
loop_
_chem_comp_atom.comp_id 
_chem_comp_atom.atom_id 
_chem_comp_atom.type_symbol 
_chem_comp_atom.pdbx_aromatic_flag 
_chem_comp_atom.pdbx_stereo_config 
_chem_comp_atom.pdbx_ordinal 
ALA N    N  N N 1   
ALA CA   C  N S 2   
ALA C    C  N N 3   
ALA O    O  N N 4   
ALA CB   C  N N 5   
ALA OXT  O  N N 6   
ALA H    H  N N 7   
ALA H2   H  N N 8   
ALA HA   H  N N 9   
ALA HB1  H  N N 10  
ALA HB2  H  N N 11  
ALA HB3  H  N N 12  
ALA HXT  H  N N 13  
ARG N    N  N N 14  
ARG CA   C  N S 15  
ARG C    C  N N 16  
ARG O    O  N N 17  
ARG CB   C  N N 18  
ARG CG   C  N N 19  
ARG CD   C  N N 20  
ARG NE   N  N N 21  
ARG CZ   C  N N 22  
ARG NH1  N  N N 23  
ARG NH2  N  N N 24  
ARG OXT  O  N N 25  
ARG H    H  N N 26  
ARG H2   H  N N 27  
ARG HA   H  N N 28  
ARG HB2  H  N N 29  
ARG HB3  H  N N 30  
ARG HG2  H  N N 31  
ARG HG3  H  N N 32  
ARG HD2  H  N N 33  
ARG HD3  H  N N 34  
ARG HE   H  N N 35  
ARG HH11 H  N N 36  
ARG HH12 H  N N 37  
ARG HH21 H  N N 38  
ARG HH22 H  N N 39  
ARG HXT  H  N N 40  
ASN N    N  N N 41  
ASN CA   C  N S 42  
ASN C    C  N N 43  
ASN O    O  N N 44  
ASN CB   C  N N 45  
ASN CG   C  N N 46  
ASN OD1  O  N N 47  
ASN ND2  N  N N 48  
ASN OXT  O  N N 49  
ASN H    H  N N 50  
ASN H2   H  N N 51  
ASN HA   H  N N 52  
ASN HB2  H  N N 53  
ASN HB3  H  N N 54  
ASN HD21 H  N N 55  
ASN HD22 H  N N 56  
ASN HXT  H  N N 57  
ASP N    N  N N 58  
ASP CA   C  N S 59  
ASP C    C  N N 60  
ASP O    O  N N 61  
ASP CB   C  N N 62  
ASP CG   C  N N 63  
ASP OD1  O  N N 64  
ASP OD2  O  N N 65  
ASP OXT  O  N N 66  
ASP H    H  N N 67  
ASP H2   H  N N 68  
ASP HA   H  N N 69  
ASP HB2  H  N N 70  
ASP HB3  H  N N 71  
ASP HD2  H  N N 72  
ASP HXT  H  N N 73  
GLN N    N  N N 74  
GLN CA   C  N S 75  
GLN C    C  N N 76  
GLN O    O  N N 77  
GLN CB   C  N N 78  
GLN CG   C  N N 79  
GLN CD   C  N N 80  
GLN OE1  O  N N 81  
GLN NE2  N  N N 82  
GLN OXT  O  N N 83  
GLN H    H  N N 84  
GLN H2   H  N N 85  
GLN HA   H  N N 86  
GLN HB2  H  N N 87  
GLN HB3  H  N N 88  
GLN HG2  H  N N 89  
GLN HG3  H  N N 90  
GLN HE21 H  N N 91  
GLN HE22 H  N N 92  
GLN HXT  H  N N 93  
GLU N    N  N N 94  
GLU CA   C  N S 95  
GLU C    C  N N 96  
GLU O    O  N N 97  
GLU CB   C  N N 98  
GLU CG   C  N N 99  
GLU CD   C  N N 100 
GLU OE1  O  N N 101 
GLU OE2  O  N N 102 
GLU OXT  O  N N 103 
GLU H    H  N N 104 
GLU H2   H  N N 105 
GLU HA   H  N N 106 
GLU HB2  H  N N 107 
GLU HB3  H  N N 108 
GLU HG2  H  N N 109 
GLU HG3  H  N N 110 
GLU HE2  H  N N 111 
GLU HXT  H  N N 112 
GLY N    N  N N 113 
GLY CA   C  N N 114 
GLY C    C  N N 115 
GLY O    O  N N 116 
GLY OXT  O  N N 117 
GLY H    H  N N 118 
GLY H2   H  N N 119 
GLY HA2  H  N N 120 
GLY HA3  H  N N 121 
GLY HXT  H  N N 122 
HIS N    N  N N 123 
HIS CA   C  N S 124 
HIS C    C  N N 125 
HIS O    O  N N 126 
HIS CB   C  N N 127 
HIS CG   C  Y N 128 
HIS ND1  N  Y N 129 
HIS CD2  C  Y N 130 
HIS CE1  C  Y N 131 
HIS NE2  N  Y N 132 
HIS OXT  O  N N 133 
HIS H    H  N N 134 
HIS H2   H  N N 135 
HIS HA   H  N N 136 
HIS HB2  H  N N 137 
HIS HB3  H  N N 138 
HIS HD1  H  N N 139 
HIS HD2  H  N N 140 
HIS HE1  H  N N 141 
HIS HE2  H  N N 142 
HIS HXT  H  N N 143 
HOH O    O  N N 144 
HOH H1   H  N N 145 
HOH H2   H  N N 146 
ILE N    N  N N 147 
ILE CA   C  N S 148 
ILE C    C  N N 149 
ILE O    O  N N 150 
ILE CB   C  N S 151 
ILE CG1  C  N N 152 
ILE CG2  C  N N 153 
ILE CD1  C  N N 154 
ILE OXT  O  N N 155 
ILE H    H  N N 156 
ILE H2   H  N N 157 
ILE HA   H  N N 158 
ILE HB   H  N N 159 
ILE HG12 H  N N 160 
ILE HG13 H  N N 161 
ILE HG21 H  N N 162 
ILE HG22 H  N N 163 
ILE HG23 H  N N 164 
ILE HD11 H  N N 165 
ILE HD12 H  N N 166 
ILE HD13 H  N N 167 
ILE HXT  H  N N 168 
LEU N    N  N N 169 
LEU CA   C  N S 170 
LEU C    C  N N 171 
LEU O    O  N N 172 
LEU CB   C  N N 173 
LEU CG   C  N N 174 
LEU CD1  C  N N 175 
LEU CD2  C  N N 176 
LEU OXT  O  N N 177 
LEU H    H  N N 178 
LEU H2   H  N N 179 
LEU HA   H  N N 180 
LEU HB2  H  N N 181 
LEU HB3  H  N N 182 
LEU HG   H  N N 183 
LEU HD11 H  N N 184 
LEU HD12 H  N N 185 
LEU HD13 H  N N 186 
LEU HD21 H  N N 187 
LEU HD22 H  N N 188 
LEU HD23 H  N N 189 
LEU HXT  H  N N 190 
LYS N    N  N N 191 
LYS CA   C  N S 192 
LYS C    C  N N 193 
LYS O    O  N N 194 
LYS CB   C  N N 195 
LYS CG   C  N N 196 
LYS CD   C  N N 197 
LYS CE   C  N N 198 
LYS NZ   N  N N 199 
LYS OXT  O  N N 200 
LYS H    H  N N 201 
LYS H2   H  N N 202 
LYS HA   H  N N 203 
LYS HB2  H  N N 204 
LYS HB3  H  N N 205 
LYS HG2  H  N N 206 
LYS HG3  H  N N 207 
LYS HD2  H  N N 208 
LYS HD3  H  N N 209 
LYS HE2  H  N N 210 
LYS HE3  H  N N 211 
LYS HZ1  H  N N 212 
LYS HZ2  H  N N 213 
LYS HZ3  H  N N 214 
LYS HXT  H  N N 215 
MSE N    N  N N 216 
MSE CA   C  N S 217 
MSE C    C  N N 218 
MSE O    O  N N 219 
MSE OXT  O  N N 220 
MSE CB   C  N N 221 
MSE CG   C  N N 222 
MSE SE   SE N N 223 
MSE CE   C  N N 224 
MSE H    H  N N 225 
MSE H2   H  N N 226 
MSE HA   H  N N 227 
MSE HXT  H  N N 228 
MSE HB2  H  N N 229 
MSE HB3  H  N N 230 
MSE HG2  H  N N 231 
MSE HG3  H  N N 232 
MSE HE1  H  N N 233 
MSE HE2  H  N N 234 
MSE HE3  H  N N 235 
PHE N    N  N N 236 
PHE CA   C  N S 237 
PHE C    C  N N 238 
PHE O    O  N N 239 
PHE CB   C  N N 240 
PHE CG   C  Y N 241 
PHE CD1  C  Y N 242 
PHE CD2  C  Y N 243 
PHE CE1  C  Y N 244 
PHE CE2  C  Y N 245 
PHE CZ   C  Y N 246 
PHE OXT  O  N N 247 
PHE H    H  N N 248 
PHE H2   H  N N 249 
PHE HA   H  N N 250 
PHE HB2  H  N N 251 
PHE HB3  H  N N 252 
PHE HD1  H  N N 253 
PHE HD2  H  N N 254 
PHE HE1  H  N N 255 
PHE HE2  H  N N 256 
PHE HZ   H  N N 257 
PHE HXT  H  N N 258 
PRO N    N  N N 259 
PRO CA   C  N S 260 
PRO C    C  N N 261 
PRO O    O  N N 262 
PRO CB   C  N N 263 
PRO CG   C  N N 264 
PRO CD   C  N N 265 
PRO OXT  O  N N 266 
PRO H    H  N N 267 
PRO HA   H  N N 268 
PRO HB2  H  N N 269 
PRO HB3  H  N N 270 
PRO HG2  H  N N 271 
PRO HG3  H  N N 272 
PRO HD2  H  N N 273 
PRO HD3  H  N N 274 
PRO HXT  H  N N 275 
SER N    N  N N 276 
SER CA   C  N S 277 
SER C    C  N N 278 
SER O    O  N N 279 
SER CB   C  N N 280 
SER OG   O  N N 281 
SER OXT  O  N N 282 
SER H    H  N N 283 
SER H2   H  N N 284 
SER HA   H  N N 285 
SER HB2  H  N N 286 
SER HB3  H  N N 287 
SER HG   H  N N 288 
SER HXT  H  N N 289 
THR N    N  N N 290 
THR CA   C  N S 291 
THR C    C  N N 292 
THR O    O  N N 293 
THR CB   C  N R 294 
THR OG1  O  N N 295 
THR CG2  C  N N 296 
THR OXT  O  N N 297 
THR H    H  N N 298 
THR H2   H  N N 299 
THR HA   H  N N 300 
THR HB   H  N N 301 
THR HG1  H  N N 302 
THR HG21 H  N N 303 
THR HG22 H  N N 304 
THR HG23 H  N N 305 
THR HXT  H  N N 306 
TRP N    N  N N 307 
TRP CA   C  N S 308 
TRP C    C  N N 309 
TRP O    O  N N 310 
TRP CB   C  N N 311 
TRP CG   C  Y N 312 
TRP CD1  C  Y N 313 
TRP CD2  C  Y N 314 
TRP NE1  N  Y N 315 
TRP CE2  C  Y N 316 
TRP CE3  C  Y N 317 
TRP CZ2  C  Y N 318 
TRP CZ3  C  Y N 319 
TRP CH2  C  Y N 320 
TRP OXT  O  N N 321 
TRP H    H  N N 322 
TRP H2   H  N N 323 
TRP HA   H  N N 324 
TRP HB2  H  N N 325 
TRP HB3  H  N N 326 
TRP HD1  H  N N 327 
TRP HE1  H  N N 328 
TRP HE3  H  N N 329 
TRP HZ2  H  N N 330 
TRP HZ3  H  N N 331 
TRP HH2  H  N N 332 
TRP HXT  H  N N 333 
TYR N    N  N N 334 
TYR CA   C  N S 335 
TYR C    C  N N 336 
TYR O    O  N N 337 
TYR CB   C  N N 338 
TYR CG   C  Y N 339 
TYR CD1  C  Y N 340 
TYR CD2  C  Y N 341 
TYR CE1  C  Y N 342 
TYR CE2  C  Y N 343 
TYR CZ   C  Y N 344 
TYR OH   O  N N 345 
TYR OXT  O  N N 346 
TYR H    H  N N 347 
TYR H2   H  N N 348 
TYR HA   H  N N 349 
TYR HB2  H  N N 350 
TYR HB3  H  N N 351 
TYR HD1  H  N N 352 
TYR HD2  H  N N 353 
TYR HE1  H  N N 354 
TYR HE2  H  N N 355 
TYR HH   H  N N 356 
TYR HXT  H  N N 357 
VAL N    N  N N 358 
VAL CA   C  N S 359 
VAL C    C  N N 360 
VAL O    O  N N 361 
VAL CB   C  N N 362 
VAL CG1  C  N N 363 
VAL CG2  C  N N 364 
VAL OXT  O  N N 365 
VAL H    H  N N 366 
VAL H2   H  N N 367 
VAL HA   H  N N 368 
VAL HB   H  N N 369 
VAL HG11 H  N N 370 
VAL HG12 H  N N 371 
VAL HG13 H  N N 372 
VAL HG21 H  N N 373 
VAL HG22 H  N N 374 
VAL HG23 H  N N 375 
VAL HXT  H  N N 376 
# 
loop_
_chem_comp_bond.comp_id 
_chem_comp_bond.atom_id_1 
_chem_comp_bond.atom_id_2 
_chem_comp_bond.value_order 
_chem_comp_bond.pdbx_aromatic_flag 
_chem_comp_bond.pdbx_stereo_config 
_chem_comp_bond.pdbx_ordinal 
ALA N   CA   sing N N 1   
ALA N   H    sing N N 2   
ALA N   H2   sing N N 3   
ALA CA  C    sing N N 4   
ALA CA  CB   sing N N 5   
ALA CA  HA   sing N N 6   
ALA C   O    doub N N 7   
ALA C   OXT  sing N N 8   
ALA CB  HB1  sing N N 9   
ALA CB  HB2  sing N N 10  
ALA CB  HB3  sing N N 11  
ALA OXT HXT  sing N N 12  
ARG N   CA   sing N N 13  
ARG N   H    sing N N 14  
ARG N   H2   sing N N 15  
ARG CA  C    sing N N 16  
ARG CA  CB   sing N N 17  
ARG CA  HA   sing N N 18  
ARG C   O    doub N N 19  
ARG C   OXT  sing N N 20  
ARG CB  CG   sing N N 21  
ARG CB  HB2  sing N N 22  
ARG CB  HB3  sing N N 23  
ARG CG  CD   sing N N 24  
ARG CG  HG2  sing N N 25  
ARG CG  HG3  sing N N 26  
ARG CD  NE   sing N N 27  
ARG CD  HD2  sing N N 28  
ARG CD  HD3  sing N N 29  
ARG NE  CZ   sing N N 30  
ARG NE  HE   sing N N 31  
ARG CZ  NH1  sing N N 32  
ARG CZ  NH2  doub N N 33  
ARG NH1 HH11 sing N N 34  
ARG NH1 HH12 sing N N 35  
ARG NH2 HH21 sing N N 36  
ARG NH2 HH22 sing N N 37  
ARG OXT HXT  sing N N 38  
ASN N   CA   sing N N 39  
ASN N   H    sing N N 40  
ASN N   H2   sing N N 41  
ASN CA  C    sing N N 42  
ASN CA  CB   sing N N 43  
ASN CA  HA   sing N N 44  
ASN C   O    doub N N 45  
ASN C   OXT  sing N N 46  
ASN CB  CG   sing N N 47  
ASN CB  HB2  sing N N 48  
ASN CB  HB3  sing N N 49  
ASN CG  OD1  doub N N 50  
ASN CG  ND2  sing N N 51  
ASN ND2 HD21 sing N N 52  
ASN ND2 HD22 sing N N 53  
ASN OXT HXT  sing N N 54  
ASP N   CA   sing N N 55  
ASP N   H    sing N N 56  
ASP N   H2   sing N N 57  
ASP CA  C    sing N N 58  
ASP CA  CB   sing N N 59  
ASP CA  HA   sing N N 60  
ASP C   O    doub N N 61  
ASP C   OXT  sing N N 62  
ASP CB  CG   sing N N 63  
ASP CB  HB2  sing N N 64  
ASP CB  HB3  sing N N 65  
ASP CG  OD1  doub N N 66  
ASP CG  OD2  sing N N 67  
ASP OD2 HD2  sing N N 68  
ASP OXT HXT  sing N N 69  
GLN N   CA   sing N N 70  
GLN N   H    sing N N 71  
GLN N   H2   sing N N 72  
GLN CA  C    sing N N 73  
GLN CA  CB   sing N N 74  
GLN CA  HA   sing N N 75  
GLN C   O    doub N N 76  
GLN C   OXT  sing N N 77  
GLN CB  CG   sing N N 78  
GLN CB  HB2  sing N N 79  
GLN CB  HB3  sing N N 80  
GLN CG  CD   sing N N 81  
GLN CG  HG2  sing N N 82  
GLN CG  HG3  sing N N 83  
GLN CD  OE1  doub N N 84  
GLN CD  NE2  sing N N 85  
GLN NE2 HE21 sing N N 86  
GLN NE2 HE22 sing N N 87  
GLN OXT HXT  sing N N 88  
GLU N   CA   sing N N 89  
GLU N   H    sing N N 90  
GLU N   H2   sing N N 91  
GLU CA  C    sing N N 92  
GLU CA  CB   sing N N 93  
GLU CA  HA   sing N N 94  
GLU C   O    doub N N 95  
GLU C   OXT  sing N N 96  
GLU CB  CG   sing N N 97  
GLU CB  HB2  sing N N 98  
GLU CB  HB3  sing N N 99  
GLU CG  CD   sing N N 100 
GLU CG  HG2  sing N N 101 
GLU CG  HG3  sing N N 102 
GLU CD  OE1  doub N N 103 
GLU CD  OE2  sing N N 104 
GLU OE2 HE2  sing N N 105 
GLU OXT HXT  sing N N 106 
GLY N   CA   sing N N 107 
GLY N   H    sing N N 108 
GLY N   H2   sing N N 109 
GLY CA  C    sing N N 110 
GLY CA  HA2  sing N N 111 
GLY CA  HA3  sing N N 112 
GLY C   O    doub N N 113 
GLY C   OXT  sing N N 114 
GLY OXT HXT  sing N N 115 
HIS N   CA   sing N N 116 
HIS N   H    sing N N 117 
HIS N   H2   sing N N 118 
HIS CA  C    sing N N 119 
HIS CA  CB   sing N N 120 
HIS CA  HA   sing N N 121 
HIS C   O    doub N N 122 
HIS C   OXT  sing N N 123 
HIS CB  CG   sing N N 124 
HIS CB  HB2  sing N N 125 
HIS CB  HB3  sing N N 126 
HIS CG  ND1  sing Y N 127 
HIS CG  CD2  doub Y N 128 
HIS ND1 CE1  doub Y N 129 
HIS ND1 HD1  sing N N 130 
HIS CD2 NE2  sing Y N 131 
HIS CD2 HD2  sing N N 132 
HIS CE1 NE2  sing Y N 133 
HIS CE1 HE1  sing N N 134 
HIS NE2 HE2  sing N N 135 
HIS OXT HXT  sing N N 136 
HOH O   H1   sing N N 137 
HOH O   H2   sing N N 138 
ILE N   CA   sing N N 139 
ILE N   H    sing N N 140 
ILE N   H2   sing N N 141 
ILE CA  C    sing N N 142 
ILE CA  CB   sing N N 143 
ILE CA  HA   sing N N 144 
ILE C   O    doub N N 145 
ILE C   OXT  sing N N 146 
ILE CB  CG1  sing N N 147 
ILE CB  CG2  sing N N 148 
ILE CB  HB   sing N N 149 
ILE CG1 CD1  sing N N 150 
ILE CG1 HG12 sing N N 151 
ILE CG1 HG13 sing N N 152 
ILE CG2 HG21 sing N N 153 
ILE CG2 HG22 sing N N 154 
ILE CG2 HG23 sing N N 155 
ILE CD1 HD11 sing N N 156 
ILE CD1 HD12 sing N N 157 
ILE CD1 HD13 sing N N 158 
ILE OXT HXT  sing N N 159 
LEU N   CA   sing N N 160 
LEU N   H    sing N N 161 
LEU N   H2   sing N N 162 
LEU CA  C    sing N N 163 
LEU CA  CB   sing N N 164 
LEU CA  HA   sing N N 165 
LEU C   O    doub N N 166 
LEU C   OXT  sing N N 167 
LEU CB  CG   sing N N 168 
LEU CB  HB2  sing N N 169 
LEU CB  HB3  sing N N 170 
LEU CG  CD1  sing N N 171 
LEU CG  CD2  sing N N 172 
LEU CG  HG   sing N N 173 
LEU CD1 HD11 sing N N 174 
LEU CD1 HD12 sing N N 175 
LEU CD1 HD13 sing N N 176 
LEU CD2 HD21 sing N N 177 
LEU CD2 HD22 sing N N 178 
LEU CD2 HD23 sing N N 179 
LEU OXT HXT  sing N N 180 
LYS N   CA   sing N N 181 
LYS N   H    sing N N 182 
LYS N   H2   sing N N 183 
LYS CA  C    sing N N 184 
LYS CA  CB   sing N N 185 
LYS CA  HA   sing N N 186 
LYS C   O    doub N N 187 
LYS C   OXT  sing N N 188 
LYS CB  CG   sing N N 189 
LYS CB  HB2  sing N N 190 
LYS CB  HB3  sing N N 191 
LYS CG  CD   sing N N 192 
LYS CG  HG2  sing N N 193 
LYS CG  HG3  sing N N 194 
LYS CD  CE   sing N N 195 
LYS CD  HD2  sing N N 196 
LYS CD  HD3  sing N N 197 
LYS CE  NZ   sing N N 198 
LYS CE  HE2  sing N N 199 
LYS CE  HE3  sing N N 200 
LYS NZ  HZ1  sing N N 201 
LYS NZ  HZ2  sing N N 202 
LYS NZ  HZ3  sing N N 203 
LYS OXT HXT  sing N N 204 
MSE N   CA   sing N N 205 
MSE N   H    sing N N 206 
MSE N   H2   sing N N 207 
MSE CA  C    sing N N 208 
MSE CA  CB   sing N N 209 
MSE CA  HA   sing N N 210 
MSE C   O    doub N N 211 
MSE C   OXT  sing N N 212 
MSE OXT HXT  sing N N 213 
MSE CB  CG   sing N N 214 
MSE CB  HB2  sing N N 215 
MSE CB  HB3  sing N N 216 
MSE CG  SE   sing N N 217 
MSE CG  HG2  sing N N 218 
MSE CG  HG3  sing N N 219 
MSE SE  CE   sing N N 220 
MSE CE  HE1  sing N N 221 
MSE CE  HE2  sing N N 222 
MSE CE  HE3  sing N N 223 
PHE N   CA   sing N N 224 
PHE N   H    sing N N 225 
PHE N   H2   sing N N 226 
PHE CA  C    sing N N 227 
PHE CA  CB   sing N N 228 
PHE CA  HA   sing N N 229 
PHE C   O    doub N N 230 
PHE C   OXT  sing N N 231 
PHE CB  CG   sing N N 232 
PHE CB  HB2  sing N N 233 
PHE CB  HB3  sing N N 234 
PHE CG  CD1  doub Y N 235 
PHE CG  CD2  sing Y N 236 
PHE CD1 CE1  sing Y N 237 
PHE CD1 HD1  sing N N 238 
PHE CD2 CE2  doub Y N 239 
PHE CD2 HD2  sing N N 240 
PHE CE1 CZ   doub Y N 241 
PHE CE1 HE1  sing N N 242 
PHE CE2 CZ   sing Y N 243 
PHE CE2 HE2  sing N N 244 
PHE CZ  HZ   sing N N 245 
PHE OXT HXT  sing N N 246 
PRO N   CA   sing N N 247 
PRO N   CD   sing N N 248 
PRO N   H    sing N N 249 
PRO CA  C    sing N N 250 
PRO CA  CB   sing N N 251 
PRO CA  HA   sing N N 252 
PRO C   O    doub N N 253 
PRO C   OXT  sing N N 254 
PRO CB  CG   sing N N 255 
PRO CB  HB2  sing N N 256 
PRO CB  HB3  sing N N 257 
PRO CG  CD   sing N N 258 
PRO CG  HG2  sing N N 259 
PRO CG  HG3  sing N N 260 
PRO CD  HD2  sing N N 261 
PRO CD  HD3  sing N N 262 
PRO OXT HXT  sing N N 263 
SER N   CA   sing N N 264 
SER N   H    sing N N 265 
SER N   H2   sing N N 266 
SER CA  C    sing N N 267 
SER CA  CB   sing N N 268 
SER CA  HA   sing N N 269 
SER C   O    doub N N 270 
SER C   OXT  sing N N 271 
SER CB  OG   sing N N 272 
SER CB  HB2  sing N N 273 
SER CB  HB3  sing N N 274 
SER OG  HG   sing N N 275 
SER OXT HXT  sing N N 276 
THR N   CA   sing N N 277 
THR N   H    sing N N 278 
THR N   H2   sing N N 279 
THR CA  C    sing N N 280 
THR CA  CB   sing N N 281 
THR CA  HA   sing N N 282 
THR C   O    doub N N 283 
THR C   OXT  sing N N 284 
THR CB  OG1  sing N N 285 
THR CB  CG2  sing N N 286 
THR CB  HB   sing N N 287 
THR OG1 HG1  sing N N 288 
THR CG2 HG21 sing N N 289 
THR CG2 HG22 sing N N 290 
THR CG2 HG23 sing N N 291 
THR OXT HXT  sing N N 292 
TRP N   CA   sing N N 293 
TRP N   H    sing N N 294 
TRP N   H2   sing N N 295 
TRP CA  C    sing N N 296 
TRP CA  CB   sing N N 297 
TRP CA  HA   sing N N 298 
TRP C   O    doub N N 299 
TRP C   OXT  sing N N 300 
TRP CB  CG   sing N N 301 
TRP CB  HB2  sing N N 302 
TRP CB  HB3  sing N N 303 
TRP CG  CD1  doub Y N 304 
TRP CG  CD2  sing Y N 305 
TRP CD1 NE1  sing Y N 306 
TRP CD1 HD1  sing N N 307 
TRP CD2 CE2  doub Y N 308 
TRP CD2 CE3  sing Y N 309 
TRP NE1 CE2  sing Y N 310 
TRP NE1 HE1  sing N N 311 
TRP CE2 CZ2  sing Y N 312 
TRP CE3 CZ3  doub Y N 313 
TRP CE3 HE3  sing N N 314 
TRP CZ2 CH2  doub Y N 315 
TRP CZ2 HZ2  sing N N 316 
TRP CZ3 CH2  sing Y N 317 
TRP CZ3 HZ3  sing N N 318 
TRP CH2 HH2  sing N N 319 
TRP OXT HXT  sing N N 320 
TYR N   CA   sing N N 321 
TYR N   H    sing N N 322 
TYR N   H2   sing N N 323 
TYR CA  C    sing N N 324 
TYR CA  CB   sing N N 325 
TYR CA  HA   sing N N 326 
TYR C   O    doub N N 327 
TYR C   OXT  sing N N 328 
TYR CB  CG   sing N N 329 
TYR CB  HB2  sing N N 330 
TYR CB  HB3  sing N N 331 
TYR CG  CD1  doub Y N 332 
TYR CG  CD2  sing Y N 333 
TYR CD1 CE1  sing Y N 334 
TYR CD1 HD1  sing N N 335 
TYR CD2 CE2  doub Y N 336 
TYR CD2 HD2  sing N N 337 
TYR CE1 CZ   doub Y N 338 
TYR CE1 HE1  sing N N 339 
TYR CE2 CZ   sing Y N 340 
TYR CE2 HE2  sing N N 341 
TYR CZ  OH   sing N N 342 
TYR OH  HH   sing N N 343 
TYR OXT HXT  sing N N 344 
VAL N   CA   sing N N 345 
VAL N   H    sing N N 346 
VAL N   H2   sing N N 347 
VAL CA  C    sing N N 348 
VAL CA  CB   sing N N 349 
VAL CA  HA   sing N N 350 
VAL C   O    doub N N 351 
VAL C   OXT  sing N N 352 
VAL CB  CG1  sing N N 353 
VAL CB  CG2  sing N N 354 
VAL CB  HB   sing N N 355 
VAL CG1 HG11 sing N N 356 
VAL CG1 HG12 sing N N 357 
VAL CG1 HG13 sing N N 358 
VAL CG2 HG21 sing N N 359 
VAL CG2 HG22 sing N N 360 
VAL CG2 HG23 sing N N 361 
VAL OXT HXT  sing N N 362 
# 
_atom_sites.entry_id                    2R9I 
_atom_sites.fract_transf_matrix[1][1]   0.00026412 
_atom_sites.fract_transf_matrix[1][2]   -0.00369945 
_atom_sites.fract_transf_matrix[1][3]   0.00898242 
_atom_sites.fract_transf_matrix[2][1]   -0.00937308 
_atom_sites.fract_transf_matrix[2][2]   -0.00245805 
_atom_sites.fract_transf_matrix[2][3]   -0.00073676 
_atom_sites.fract_transf_matrix[3][1]   0.00255247 
_atom_sites.fract_transf_matrix[3][2]   -0.00864359 
_atom_sites.fract_transf_matrix[3][3]   -0.00363495 
_atom_sites.fract_transf_vector[1]      0.266889 
_atom_sites.fract_transf_vector[2]      0.476505 
_atom_sites.fract_transf_vector[3]      0.067996 
# 
loop_
_atom_type.symbol 
C  
N  
O  
SE 
# 
loop_
_atom_site.group_PDB 
_atom_site.id 
_atom_site.type_symbol 
_atom_site.label_atom_id 
_atom_site.label_alt_id 
_atom_site.label_comp_id 
_atom_site.label_asym_id 
_atom_site.label_entity_id 
_atom_site.label_seq_id 
_atom_site.pdbx_PDB_ins_code 
_atom_site.Cartn_x 
_atom_site.Cartn_y 
_atom_site.Cartn_z 
_atom_site.occupancy 
_atom_site.B_iso_or_equiv 
_atom_site.pdbx_formal_charge 
_atom_site.auth_seq_id 
_atom_site.auth_comp_id 
_atom_site.auth_asym_id 
_atom_site.auth_atom_id 
_atom_site.pdbx_PDB_model_num 
HETATM 1   N  N   . MSE A 1 4  ? 5.950   12.600  -3.612  1.00 97.15 ? 1   MSE A N   1 
HETATM 2   C  CA  . MSE A 1 4  ? 7.100   11.877  -3.081  1.00 96.94 ? 1   MSE A CA  1 
HETATM 3   C  C   . MSE A 1 4  ? 7.799   11.073  -4.172  1.00 96.12 ? 1   MSE A C   1 
HETATM 4   O  O   . MSE A 1 4  ? 7.194   10.730  -5.188  1.00 96.38 ? 1   MSE A O   1 
HETATM 5   C  CB  . MSE A 1 4  ? 6.671   10.954  -1.940  1.00 96.91 ? 1   MSE A CB  1 
HETATM 6   C  CG  . MSE A 1 4  ? 5.197   10.583  -1.960  1.00 96.69 ? 1   MSE A CG  1 
HETATM 7   SE SE  . MSE A 1 4  ? 4.738   9.244   -0.620  0.60 98.35 ? 1   MSE A SE  1 
HETATM 8   C  CE  . MSE A 1 4  ? 3.270   10.182  0.255   1.00 97.58 ? 1   MSE A CE  1 
ATOM   9   N  N   . ASN A 1 5  ? 9.076   10.775  -3.955  1.00 94.78 ? 2   ASN A N   1 
ATOM   10  C  CA  . ASN A 1 5  ? 9.835   9.942   -4.878  1.00 93.25 ? 2   ASN A CA  1 
ATOM   11  C  C   . ASN A 1 5  ? 9.768   8.464   -4.509  1.00 92.13 ? 2   ASN A C   1 
ATOM   12  O  O   . ASN A 1 5  ? 9.162   8.092   -3.504  1.00 92.29 ? 2   ASN A O   1 
ATOM   13  C  CB  . ASN A 1 5  ? 11.294  10.402  -4.939  1.00 93.19 ? 2   ASN A CB  1 
ATOM   14  C  CG  . ASN A 1 5  ? 12.070  10.047  -3.687  1.00 94.08 ? 2   ASN A CG  1 
ATOM   15  O  OD1 . ASN A 1 5  ? 11.723  9.104   -2.974  1.00 94.68 ? 2   ASN A OD1 1 
ATOM   16  N  ND2 . ASN A 1 5  ? 13.127  10.802  -3.411  1.00 93.48 ? 2   ASN A ND2 1 
ATOM   17  N  N   . LEU A 1 6  ? 10.392  7.625   -5.330  1.00 90.39 ? 3   LEU A N   1 
ATOM   18  C  CA  . LEU A 1 6  ? 10.196  6.183   -5.247  1.00 88.76 ? 3   LEU A CA  1 
ATOM   19  C  C   . LEU A 1 6  ? 10.557  5.656   -3.863  1.00 87.69 ? 3   LEU A C   1 
ATOM   20  O  O   . LEU A 1 6  ? 9.836   4.838   -3.291  1.00 87.59 ? 3   LEU A O   1 
ATOM   21  C  CB  . LEU A 1 6  ? 11.023  5.467   -6.315  1.00 88.75 ? 3   LEU A CB  1 
ATOM   22  C  CG  . LEU A 1 6  ? 10.790  3.962   -6.458  1.00 89.04 ? 3   LEU A CG  1 
ATOM   23  C  CD1 . LEU A 1 6  ? 9.318   3.667   -6.703  1.00 90.53 ? 3   LEU A CD1 1 
ATOM   24  C  CD2 . LEU A 1 6  ? 11.648  3.387   -7.575  1.00 88.61 ? 3   LEU A CD2 1 
ATOM   25  N  N   . LYS A 1 7  ? 11.679  6.128   -3.329  1.00 86.34 ? 4   LYS A N   1 
ATOM   26  C  CA  . LYS A 1 7  ? 12.198  5.623   -2.057  1.00 85.11 ? 4   LYS A CA  1 
ATOM   27  C  C   . LYS A 1 7  ? 11.183  5.897   -0.951  1.00 83.48 ? 4   LYS A C   1 
ATOM   28  O  O   . LYS A 1 7  ? 11.040  5.108   -0.015  1.00 83.16 ? 4   LYS A O   1 
ATOM   29  C  CB  . LYS A 1 7  ? 13.539  6.287   -1.720  1.00 85.41 ? 4   LYS A CB  1 
ATOM   30  C  CG  . LYS A 1 7  ? 14.714  5.918   -2.671  1.00 86.76 ? 4   LYS A CG  1 
ATOM   31  C  CD  . LYS A 1 7  ? 16.049  6.600   -2.281  1.00 86.23 ? 4   LYS A CD  1 
ATOM   32  C  CE  . LYS A 1 7  ? 17.152  6.195   -3.277  1.00 88.68 ? 4   LYS A CE  1 
ATOM   33  N  NZ  . LYS A 1 7  ? 18.456  6.824   -2.969  1.00 89.01 ? 4   LYS A NZ  1 
ATOM   34  N  N   . ASP A 1 8  ? 10.482  7.024   -1.086  1.00 81.60 ? 5   ASP A N   1 
ATOM   35  C  CA  . ASP A 1 8  ? 9.464   7.469   -0.138  1.00 79.64 ? 5   ASP A CA  1 
ATOM   36  C  C   . ASP A 1 8  ? 8.191   6.642   -0.268  1.00 77.60 ? 5   ASP A C   1 
ATOM   37  O  O   . ASP A 1 8  ? 7.540   6.322   0.748   1.00 77.43 ? 5   ASP A O   1 
ATOM   38  C  CB  . ASP A 1 8  ? 9.112   8.947   -0.363  1.00 80.32 ? 5   ASP A CB  1 
ATOM   39  C  CG  . ASP A 1 8  ? 10.299  9.897   -0.135  1.00 83.26 ? 5   ASP A CG  1 
ATOM   40  O  OD1 . ASP A 1 8  ? 10.824  9.962   1.004   1.00 84.06 ? 5   ASP A OD1 1 
ATOM   41  O  OD2 . ASP A 1 8  ? 10.689  10.604  -1.104  1.00 86.81 ? 5   ASP A OD2 1 
ATOM   42  N  N   . LEU A 1 9  ? 7.835   6.329   -1.518  1.00 74.66 ? 6   LEU A N   1 
ATOM   43  C  CA  . LEU A 1 9  ? 6.686   5.497   -1.824  1.00 72.28 ? 6   LEU A CA  1 
ATOM   44  C  C   . LEU A 1 9  ? 6.832   4.106   -1.222  1.00 70.69 ? 6   LEU A C   1 
ATOM   45  O  O   . LEU A 1 9  ? 5.864   3.532   -0.744  1.00 70.38 ? 6   LEU A O   1 
ATOM   46  C  CB  . LEU A 1 9  ? 6.502   5.369   -3.330  1.00 72.21 ? 6   LEU A CB  1 
ATOM   47  C  CG  . LEU A 1 9  ? 5.634   6.399   -4.049  1.00 71.79 ? 6   LEU A CG  1 
ATOM   48  C  CD1 . LEU A 1 9  ? 5.452   5.947   -5.471  1.00 70.17 ? 6   LEU A CD1 1 
ATOM   49  C  CD2 . LEU A 1 9  ? 4.267   6.569   -3.385  1.00 69.52 ? 6   LEU A CD2 1 
ATOM   50  N  N   . LEU A 1 10 ? 8.046   3.572   -1.246  1.00 68.80 ? 7   LEU A N   1 
ATOM   51  C  CA  . LEU A 1 10 ? 8.303   2.257   -0.712  1.00 67.10 ? 7   LEU A CA  1 
ATOM   52  C  C   . LEU A 1 10 ? 8.232   2.281   0.811   1.00 66.06 ? 7   LEU A C   1 
ATOM   53  O  O   . LEU A 1 10 ? 7.656   1.366   1.406   1.00 65.56 ? 7   LEU A O   1 
ATOM   54  C  CB  . LEU A 1 10 ? 9.651   1.721   -1.209  1.00 67.32 ? 7   LEU A CB  1 
ATOM   55  C  CG  . LEU A 1 10 ? 9.767   1.469   -2.729  1.00 67.81 ? 7   LEU A CG  1 
ATOM   56  C  CD1 . LEU A 1 10 ? 11.245  1.359   -3.207  1.00 67.80 ? 7   LEU A CD1 1 
ATOM   57  C  CD2 . LEU A 1 10 ? 8.983   0.232   -3.131  1.00 67.97 ? 7   LEU A CD2 1 
ATOM   58  N  N   . ALA A 1 11 ? 8.785   3.326   1.437   1.00 64.30 ? 8   ALA A N   1 
ATOM   59  C  CA  . ALA A 1 11 ? 8.672   3.470   2.886   1.00 63.75 ? 8   ALA A CA  1 
ATOM   60  C  C   . ALA A 1 11 ? 7.196   3.612   3.294   1.00 63.75 ? 8   ALA A C   1 
ATOM   61  O  O   . ALA A 1 11 ? 6.735   3.001   4.281   1.00 63.42 ? 8   ALA A O   1 
ATOM   62  C  CB  . ALA A 1 11 ? 9.489   4.649   3.396   1.00 63.07 ? 8   ALA A CB  1 
ATOM   63  N  N   . HIS A 1 12 ? 6.474   4.418   2.514   1.00 63.50 ? 9   HIS A N   1 
ATOM   64  C  CA  . HIS A 1 12 ? 5.062   4.693   2.743   1.00 63.25 ? 9   HIS A CA  1 
ATOM   65  C  C   . HIS A 1 12 ? 4.248   3.414   2.670   1.00 63.31 ? 9   HIS A C   1 
ATOM   66  O  O   . HIS A 1 12 ? 3.427   3.140   3.560   1.00 62.96 ? 9   HIS A O   1 
ATOM   67  C  CB  . HIS A 1 12 ? 4.552   5.703   1.719   1.00 62.71 ? 9   HIS A CB  1 
ATOM   68  C  CG  . HIS A 1 12 ? 3.119   6.074   1.904   1.00 63.17 ? 9   HIS A CG  1 
ATOM   69  N  ND1 . HIS A 1 12 ? 2.672   6.808   2.985   1.00 63.96 ? 9   HIS A ND1 1 
ATOM   70  C  CD2 . HIS A 1 12 ? 2.025   5.805   1.155   1.00 62.49 ? 9   HIS A CD2 1 
ATOM   71  C  CE1 . HIS A 1 12 ? 1.367   6.993   2.880   1.00 62.48 ? 9   HIS A CE1 1 
ATOM   72  N  NE2 . HIS A 1 12 ? 0.948   6.391   1.780   1.00 61.47 ? 9   HIS A NE2 1 
ATOM   73  N  N   . ARG A 1 13 ? 4.480   2.631   1.618   1.00 63.36 ? 10  ARG A N   1 
ATOM   74  C  CA  . ARG A 1 13 ? 3.810   1.333   1.469   1.00 64.31 ? 10  ARG A CA  1 
ATOM   75  C  C   . ARG A 1 13 ? 4.054   0.439   2.682   1.00 64.64 ? 10  ARG A C   1 
ATOM   76  O  O   . ARG A 1 13 ? 3.136   -0.152  3.228   1.00 64.35 ? 10  ARG A O   1 
ATOM   77  C  CB  . ARG A 1 13 ? 4.302   0.609   0.212   1.00 64.52 ? 10  ARG A CB  1 
ATOM   78  C  CG  . ARG A 1 13 ? 3.346   -0.455  -0.290  1.00 63.75 ? 10  ARG A CG  1 
ATOM   79  C  CD  . ARG A 1 13 ? 3.725   -1.841  0.206   1.00 62.98 ? 10  ARG A CD  1 
ATOM   80  N  NE  . ARG A 1 13 ? 2.883   -2.822  -0.460  1.00 61.75 ? 10  ARG A NE  1 
ATOM   81  C  CZ  . ARG A 1 13 ? 2.700   -4.075  -0.057  1.00 63.29 ? 10  ARG A CZ  1 
ATOM   82  N  NH1 . ARG A 1 13 ? 1.883   -4.848  -0.763  1.00 62.72 ? 10  ARG A NH1 1 
ATOM   83  N  NH2 . ARG A 1 13 ? 3.314   -4.566  1.034   1.00 60.62 ? 10  ARG A NH2 1 
ATOM   84  N  N   . GLU A 1 14 ? 5.303   0.346   3.097   1.00 64.88 ? 11  GLU A N   1 
ATOM   85  C  CA  . GLU A 1 14 ? 5.642   -0.501  4.194   1.00 65.81 ? 11  GLU A CA  1 
ATOM   86  C  C   . GLU A 1 14 ? 5.019   -0.005  5.508   1.00 65.27 ? 11  GLU A C   1 
ATOM   87  O  O   . GLU A 1 14 ? 4.576   -0.826  6.318   1.00 65.22 ? 11  GLU A O   1 
ATOM   88  C  CB  . GLU A 1 14 ? 7.141   -0.598  4.278   1.00 66.07 ? 11  GLU A CB  1 
ATOM   89  C  CG  . GLU A 1 14 ? 7.633   -1.313  5.494   1.00 72.30 ? 11  GLU A CG  1 
ATOM   90  C  CD  . GLU A 1 14 ? 9.145   -1.415  5.460   1.00 80.93 ? 11  GLU A CD  1 
ATOM   91  O  OE1 . GLU A 1 14 ? 9.762   -0.861  4.498   1.00 82.92 ? 11  GLU A OE1 1 
ATOM   92  O  OE2 . GLU A 1 14 ? 9.718   -2.051  6.386   1.00 85.02 ? 11  GLU A OE2 1 
ATOM   93  N  N   . ASN A 1 15 ? 4.956   1.316   5.712   1.00 64.97 ? 12  ASN A N   1 
ATOM   94  C  CA  . ASN A 1 15 ? 4.208   1.903   6.866   1.00 64.95 ? 12  ASN A CA  1 
ATOM   95  C  C   . ASN A 1 15 ? 2.717   1.573   6.887   1.00 65.29 ? 12  ASN A C   1 
ATOM   96  O  O   . ASN A 1 15 ? 2.146   1.270   7.924   1.00 65.44 ? 12  ASN A O   1 
ATOM   97  C  CB  . ASN A 1 15 ? 4.398   3.421   6.946   1.00 64.40 ? 12  ASN A CB  1 
ATOM   98  C  CG  . ASN A 1 15 ? 5.825   3.808   7.283   1.00 64.82 ? 12  ASN A CG  1 
ATOM   99  O  OD1 . ASN A 1 15 ? 6.487   3.119   8.041   1.00 68.36 ? 12  ASN A OD1 1 
ATOM   100 N  ND2 . ASN A 1 15 ? 6.300   4.906   6.732   1.00 64.25 ? 12  ASN A ND2 1 
ATOM   101 N  N   . LEU A 1 16 ? 2.117   1.553   5.729   1.00 20.00 ? 13  LEU A N   1 
ATOM   102 C  CA  . LEU A 1 16 ? 0.750   1.197   5.623   1.00 20.00 ? 13  LEU A CA  1 
ATOM   103 C  C   . LEU A 1 16 ? 0.552   -0.252  5.941   1.00 20.00 ? 13  LEU A C   1 
ATOM   104 O  O   . LEU A 1 16 ? -0.426  -0.619  6.510   1.00 67.71 ? 13  LEU A O   1 
ATOM   105 C  CB  . LEU A 1 16 ? 0.276   1.485   4.219   1.00 20.00 ? 13  LEU A CB  1 
ATOM   106 C  CG  . LEU A 1 16 ? -0.481  2.773   3.972   1.00 20.00 ? 13  LEU A CG  1 
ATOM   107 C  CD1 . LEU A 1 16 ? -0.232  3.759   5.037   1.00 20.00 ? 13  LEU A CD1 1 
ATOM   108 C  CD2 . LEU A 1 16 ? -0.107  3.322   2.670   1.00 20.00 ? 13  LEU A CD2 1 
HETATM 109 N  N   . MSE A 1 17 ? 1.484   -1.087  5.555   1.00 68.05 ? 14  MSE A N   1 
HETATM 110 C  CA  . MSE A 1 17 ? 1.351   -2.500  5.774   1.00 68.33 ? 14  MSE A CA  1 
HETATM 111 C  C   . MSE A 1 17 ? 1.546   -2.759  7.224   1.00 67.82 ? 14  MSE A C   1 
HETATM 112 O  O   . MSE A 1 17 ? 0.868   -3.537  7.820   1.00 68.17 ? 14  MSE A O   1 
HETATM 113 C  CB  . MSE A 1 17 ? 2.435   -3.209  5.012   1.00 69.58 ? 14  MSE A CB  1 
HETATM 114 C  CG  . MSE A 1 17 ? 1.945   -3.849  3.795   1.00 71.24 ? 14  MSE A CG  1 
HETATM 115 SE SE  . MSE A 1 17 ? 1.031   -5.330  4.399   0.60 77.99 ? 14  MSE A SE  1 
HETATM 116 C  CE  . MSE A 1 17 ? 0.189   -5.908  2.825   1.00 74.14 ? 14  MSE A CE  1 
ATOM   117 N  N   . ASP A 1 18 ? 2.524   -2.096  7.779   1.00 67.73 ? 15  ASP A N   1 
ATOM   118 C  CA  . ASP A 1 18 ? 2.806   -2.168  9.229   1.00 67.15 ? 15  ASP A CA  1 
ATOM   119 C  C   . ASP A 1 18 ? 1.557   -1.767  10.011  1.00 67.24 ? 15  ASP A C   1 
ATOM   120 O  O   . ASP A 1 18 ? 1.125   -2.500  10.924  1.00 67.57 ? 15  ASP A O   1 
ATOM   121 C  CB  . ASP A 1 18 ? 4.017   -1.258  9.576   1.00 67.52 ? 15  ASP A CB  1 
ATOM   122 C  CG  . ASP A 1 18 ? 4.577   -1.484  11.011  0.70 68.34 ? 15  ASP A CG  1 
ATOM   123 O  OD1 . ASP A 1 18 ? 5.518   -2.295  11.182  0.70 70.22 ? 15  ASP A OD1 1 
ATOM   124 O  OD2 . ASP A 1 18 ? 4.122   -0.833  11.971  0.70 65.03 ? 15  ASP A OD2 1 
ATOM   125 N  N   . SER A 1 19 ? 0.923   -0.644  9.638   1.00 66.86 ? 16  SER A N   1 
ATOM   126 C  CA  . SER A 1 19 ? -0.215  -0.180  10.423  1.00 66.57 ? 16  SER A CA  1 
ATOM   127 C  C   . SER A 1 19 ? -1.492  -1.003  10.246  1.00 66.40 ? 16  SER A C   1 
ATOM   128 O  O   . SER A 1 19 ? -2.312  -1.089  11.191  1.00 66.22 ? 16  SER A O   1 
ATOM   129 C  CB  . SER A 1 19 ? -0.453  1.320   10.287  1.00 66.11 ? 16  SER A CB  1 
ATOM   130 O  OG  . SER A 1 19 ? -0.858  1.634   9.012   1.00 66.57 ? 16  SER A OG  1 
ATOM   131 N  N   . ALA A 1 20 ? -1.647  -1.613  9.069   1.00 66.35 ? 17  ALA A N   1 
ATOM   132 C  CA  . ALA A 1 20 ? -2.723  -2.583  8.818   1.00 66.99 ? 17  ALA A CA  1 
ATOM   133 C  C   . ALA A 1 20 ? -2.536  -3.806  9.707   1.00 68.27 ? 17  ALA A C   1 
ATOM   134 O  O   . ALA A 1 20 ? -3.515  -4.420  10.162  1.00 68.82 ? 17  ALA A O   1 
ATOM   135 C  CB  . ALA A 1 20 ? -2.735  -3.007  7.377   1.00 66.39 ? 17  ALA A CB  1 
ATOM   136 N  N   . LYS A 1 21 ? -1.284  -4.175  9.960   1.00 68.91 ? 18  LYS A N   1 
ATOM   137 C  CA  . LYS A 1 21 ? -1.026  -5.290  10.854  1.00 69.81 ? 18  LYS A CA  1 
ATOM   138 C  C   . LYS A 1 21 ? -1.240  -4.968  12.336  1.00 70.33 ? 18  LYS A C   1 
ATOM   139 O  O   . LYS A 1 21 ? -1.847  -5.772  13.035  1.00 70.85 ? 18  LYS A O   1 
ATOM   140 C  CB  . LYS A 1 21 ? 0.354   -5.858  10.606  1.00 69.60 ? 18  LYS A CB  1 
ATOM   141 C  CG  . LYS A 1 21 ? 0.457   -6.508  9.257   1.00 70.24 ? 18  LYS A CG  1 
ATOM   142 C  CD  . LYS A 1 21 ? 1.837   -7.060  9.079   1.00 71.77 ? 18  LYS A CD  1 
ATOM   143 C  CE  . LYS A 1 21 ? 1.968   -7.703  7.731   1.00 73.96 ? 18  LYS A CE  1 
ATOM   144 N  NZ  . LYS A 1 21 ? 3.349   -8.224  7.591   1.00 76.93 ? 18  LYS A NZ  1 
ATOM   145 N  N   . ARG A 1 22 ? -0.764  -3.815  12.821  1.00 70.96 ? 19  ARG A N   1 
ATOM   146 C  CA  . ARG A 1 22 ? -1.043  -3.415  14.210  1.00 71.74 ? 19  ARG A CA  1 
ATOM   147 C  C   . ARG A 1 22 ? -2.545  -3.344  14.342  1.00 71.80 ? 19  ARG A C   1 
ATOM   148 O  O   . ARG A 1 22 ? -3.096  -3.776  15.345  1.00 72.79 ? 19  ARG A O   1 
ATOM   149 C  CB  . ARG A 1 22 ? -0.361  -2.098  14.624  1.00 71.10 ? 19  ARG A CB  1 
ATOM   150 C  CG  . ARG A 1 22 ? 1.213   -2.208  14.705  1.00 74.96 ? 19  ARG A CG  1 
ATOM   151 C  CD  . ARG A 1 22 ? 2.019   -0.911  15.099  1.00 73.97 ? 19  ARG A CD  1 
ATOM   152 N  NE  . ARG A 1 22 ? 3.470   -1.193  15.102  1.00 80.44 ? 19  ARG A NE  1 
ATOM   153 C  CZ  . ARG A 1 22 ? 4.461   -0.308  15.323  1.00 84.35 ? 19  ARG A CZ  1 
ATOM   154 N  NH1 . ARG A 1 22 ? 4.215   0.982   15.595  1.00 86.39 ? 19  ARG A NH1 1 
ATOM   155 N  NH2 . ARG A 1 22 ? 5.733   -0.713  15.281  1.00 84.84 ? 19  ARG A NH2 1 
ATOM   156 N  N   . ALA A 1 23 ? -3.225  -2.884  13.303  1.00 71.42 ? 20  ALA A N   1 
ATOM   157 C  CA  . ALA A 1 23 ? -4.670  -2.781  13.387  1.00 71.34 ? 20  ALA A CA  1 
ATOM   158 C  C   . ALA A 1 23 ? -5.365  -4.130  13.489  1.00 71.52 ? 20  ALA A C   1 
ATOM   159 O  O   . ALA A 1 23 ? -6.302  -4.260  14.288  1.00 71.83 ? 20  ALA A O   1 
ATOM   160 C  CB  . ALA A 1 23 ? -5.247  -1.946  12.254  1.00 70.54 ? 20  ALA A CB  1 
ATOM   161 N  N   . ARG A 1 24 ? -4.932  -5.130  12.716  1.00 72.05 ? 21  ARG A N   1 
ATOM   162 C  CA  . ARG A 1 24 ? -5.630  -6.433  12.762  1.00 72.84 ? 21  ARG A CA  1 
ATOM   163 C  C   . ARG A 1 24 ? -5.238  -7.259  13.985  1.00 73.29 ? 21  ARG A C   1 
ATOM   164 O  O   . ARG A 1 24 ? -6.015  -8.093  14.451  1.00 73.43 ? 21  ARG A O   1 
ATOM   165 C  CB  . ARG A 1 24 ? -5.604  -7.195  11.419  1.00 72.49 ? 21  ARG A CB  1 
ATOM   166 C  CG  . ARG A 1 24 ? -4.807  -8.474  11.323  1.00 73.70 ? 21  ARG A CG  1 
ATOM   167 C  CD  . ARG A 1 24 ? -5.716  -9.688  11.081  1.00 75.97 ? 21  ARG A CD  1 
ATOM   168 N  NE  . ARG A 1 24 ? -6.377  -10.074 12.331  1.00 79.55 ? 21  ARG A NE  1 
ATOM   169 C  CZ  . ARG A 1 24 ? -6.879  -11.280 12.626  1.00 79.88 ? 21  ARG A CZ  1 
ATOM   170 N  NH1 . ARG A 1 24 ? -6.838  -12.291 11.762  1.00 80.69 ? 21  ARG A NH1 1 
ATOM   171 N  NH2 . ARG A 1 24 ? -7.426  -11.479 13.817  1.00 79.90 ? 21  ARG A NH2 1 
ATOM   172 N  N   . SER A 1 25 ? -4.034  -7.023  14.496  1.00 74.06 ? 22  SER A N   1 
ATOM   173 C  CA  . SER A 1 25 ? -3.606  -7.618  15.757  1.00 74.45 ? 22  SER A CA  1 
ATOM   174 C  C   . SER A 1 25 ? -4.485  -7.152  16.912  1.00 74.57 ? 22  SER A C   1 
ATOM   175 O  O   . SER A 1 25 ? -4.760  -7.911  17.842  1.00 75.68 ? 22  SER A O   1 
ATOM   176 C  CB  . SER A 1 25 ? -2.142  -7.279  16.040  1.00 74.34 ? 22  SER A CB  1 
ATOM   177 O  OG  . SER A 1 25 ? -1.272  -8.134  15.319  1.00 76.21 ? 22  SER A OG  1 
ATOM   178 N  N   . ALA A 1 26 ? -4.924  -5.899  16.848  1.00 74.46 ? 23  ALA A N   1 
ATOM   179 C  CA  . ALA A 1 26 ? -5.713  -5.307  17.921  1.00 74.52 ? 23  ALA A CA  1 
ATOM   180 C  C   . ALA A 1 26 ? -7.092  -5.952  18.012  1.00 75.03 ? 23  ALA A C   1 
ATOM   181 O  O   . ALA A 1 26 ? -7.724  -5.942  19.069  1.00 75.63 ? 23  ALA A O   1 
ATOM   182 C  CB  . ALA A 1 26 ? -5.840  -3.804  17.719  1.00 74.03 ? 23  ALA A CB  1 
ATOM   183 N  N   . ILE A 1 27 ? -7.553  -6.513  16.899  1.00 75.32 ? 24  ILE A N   1 
ATOM   184 C  CA  . ILE A 1 27 ? -8.825  -7.222  16.868  1.00 75.42 ? 24  ILE A CA  1 
ATOM   185 C  C   . ILE A 1 27 ? -8.689  -8.623  17.456  1.00 76.05 ? 24  ILE A C   1 
ATOM   186 O  O   . ILE A 1 27 ? -8.670  -9.613  16.726  1.00 76.30 ? 24  ILE A O   1 
ATOM   187 C  CB  . ILE A 1 27 ? -9.378  -7.329  15.435  1.00 75.29 ? 24  ILE A CB  1 
ATOM   188 C  CG1 . ILE A 1 27 ? -9.396  -5.953  14.767  1.00 75.77 ? 24  ILE A CG1 1 
ATOM   189 C  CG2 . ILE A 1 27 ? -10.771 -7.940  15.445  1.00 73.69 ? 24  ILE A CG2 1 
ATOM   190 C  CD1 . ILE A 1 27 ? -9.613  -6.003  13.270  1.00 75.33 ? 24  ILE A CD1 1 
ATOM   191 N  N   . THR A 1 28 ? -8.598  -8.697  18.780  1.00 76.51 ? 25  THR A N   1 
ATOM   192 C  CA  . THR A 1 28 ? -8.691  -9.970  19.484  1.00 76.96 ? 25  THR A CA  1 
ATOM   193 C  C   . THR A 1 28 ? -10.142 -10.327 19.789  1.00 77.06 ? 25  THR A C   1 
ATOM   194 O  O   . THR A 1 28 ? -10.997 -9.450  19.900  1.00 76.91 ? 25  THR A O   1 
ATOM   195 C  CB  . THR A 1 28 ? -7.891  -9.947  20.800  1.00 77.09 ? 25  THR A CB  1 
ATOM   196 O  OG1 . THR A 1 28 ? -8.280  -8.810  21.580  1.00 77.37 ? 25  THR A OG1 1 
ATOM   197 C  CG2 . THR A 1 28 ? -6.398  -9.872  20.514  1.00 77.17 ? 25  THR A CG2 1 
ATOM   198 N  N   . ASP A 1 29 ? -10.411 -11.622 19.922  1.00 77.15 ? 26  ASP A N   1 
ATOM   199 C  CA  . ASP A 1 29 ? -11.781 -12.113 20.019  1.00 77.08 ? 26  ASP A CA  1 
ATOM   200 C  C   . ASP A 1 29 ? -12.344 -11.905 21.422  1.00 76.36 ? 26  ASP A C   1 
ATOM   201 O  O   . ASP A 1 29 ? -13.401 -12.437 21.762  1.00 76.30 ? 26  ASP A O   1 
ATOM   202 C  CB  . ASP A 1 29 ? -11.847 -13.594 19.640  1.00 77.29 ? 26  ASP A CB  1 
ATOM   203 C  CG  . ASP A 1 29 ? -10.911 -14.451 20.472  1.00 77.80 ? 26  ASP A CG  1 
ATOM   204 O  OD1 . ASP A 1 29 ? -10.238 -13.900 21.368  1.00 76.90 ? 26  ASP A OD1 1 
ATOM   205 O  OD2 . ASP A 1 29 ? -10.849 -15.674 20.228  1.00 78.81 ? 26  ASP A OD2 1 
ATOM   206 N  N   . ASP A 1 30 ? -11.630 -11.129 22.231  1.00 75.60 ? 27  ASP A N   1 
ATOM   207 C  CA  . ASP A 1 30 ? -12.171 -10.636 23.492  1.00 74.83 ? 27  ASP A CA  1 
ATOM   208 C  C   . ASP A 1 30 ? -12.590 -9.174  23.377  1.00 74.04 ? 27  ASP A C   1 
ATOM   209 O  O   . ASP A 1 30 ? -12.884 -8.522  24.379  1.00 73.94 ? 27  ASP A O   1 
ATOM   210 C  CB  . ASP A 1 30 ? -11.146 -10.801 24.616  1.00 75.22 ? 27  ASP A CB  1 
ATOM   211 C  CG  . ASP A 1 30 ? -10.012 -9.800  24.522  1.00 76.44 ? 27  ASP A CG  1 
ATOM   212 O  OD1 . ASP A 1 30 ? -9.591  -9.276  25.575  1.00 78.03 ? 27  ASP A OD1 1 
ATOM   213 O  OD2 . ASP A 1 30 ? -9.540  -9.536  23.396  1.00 76.69 ? 27  ASP A OD2 1 
HETATM 214 N  N   . MSE A 1 31 ? -12.617 -8.666  22.149  1.00 73.09 ? 28  MSE A N   1 
HETATM 215 C  CA  . MSE A 1 31 ? -13.114 -7.321  21.887  1.00 72.26 ? 28  MSE A CA  1 
HETATM 216 C  C   . MSE A 1 31 ? -14.608 -7.335  21.582  1.00 70.95 ? 28  MSE A C   1 
HETATM 217 O  O   . MSE A 1 31 ? -15.146 -8.337  21.113  1.00 70.66 ? 28  MSE A O   1 
HETATM 218 C  CB  . MSE A 1 31 ? -12.346 -6.682  20.728  1.00 71.87 ? 28  MSE A CB  1 
HETATM 219 C  CG  . MSE A 1 31 ? -12.846 -5.300  20.339  1.00 71.77 ? 28  MSE A CG  1 
HETATM 220 SE SE  . MSE A 1 31 ? -11.735 -4.454  18.977  0.55 74.30 ? 28  MSE A SE  1 
HETATM 221 C  CE  . MSE A 1 31 ? -11.584 -5.951  17.737  1.00 74.42 ? 28  MSE A CE  1 
ATOM   222 N  N   . ASP A 1 32 ? -15.272 -6.215  21.851  1.00 69.72 ? 29  ASP A N   1 
ATOM   223 C  CA  . ASP A 1 32 ? -16.705 -6.104  21.627  1.00 68.90 ? 29  ASP A CA  1 
ATOM   224 C  C   . ASP A 1 32 ? -17.064 -6.128  20.130  1.00 67.99 ? 29  ASP A C   1 
ATOM   225 O  O   . ASP A 1 32 ? -16.457 -5.395  19.354  1.00 67.80 ? 29  ASP A O   1 
ATOM   226 C  CB  . ASP A 1 32 ? -17.183 -4.794  22.253  1.00 69.22 ? 29  ASP A CB  1 
ATOM   227 C  CG  . ASP A 1 32 ? -18.676 -4.703  22.347  1.00 70.08 ? 29  ASP A CG  1 
ATOM   228 O  OD1 . ASP A 1 32 ? -19.247 -5.232  23.344  1.00 71.63 ? 29  ASP A OD1 1 
ATOM   229 O  OD2 . ASP A 1 32 ? -19.272 -4.090  21.426  1.00 70.66 ? 29  ASP A OD2 1 
ATOM   230 N  N   . PRO A 1 33 ? -18.061 -6.952  19.723  1.00 67.33 ? 30  PRO A N   1 
ATOM   231 C  CA  . PRO A 1 33 ? -18.569 -7.022  18.345  1.00 66.81 ? 30  PRO A CA  1 
ATOM   232 C  C   . PRO A 1 33 ? -18.670 -5.688  17.592  1.00 66.52 ? 30  PRO A C   1 
ATOM   233 O  O   . PRO A 1 33 ? -18.285 -5.624  16.432  1.00 66.23 ? 30  PRO A O   1 
ATOM   234 C  CB  . PRO A 1 33 ? -19.972 -7.628  18.514  1.00 66.61 ? 30  PRO A CB  1 
ATOM   235 C  CG  . PRO A 1 33 ? -20.169 -7.814  20.003  1.00 66.96 ? 30  PRO A CG  1 
ATOM   236 C  CD  . PRO A 1 33 ? -18.794 -7.899  20.575  1.00 67.16 ? 30  PRO A CD  1 
ATOM   237 N  N   . ALA A 1 34 ? -19.181 -4.641  18.233  1.00 66.71 ? 31  ALA A N   1 
ATOM   238 C  CA  . ALA A 1 34 ? -19.353 -3.339  17.578  1.00 67.16 ? 31  ALA A CA  1 
ATOM   239 C  C   . ALA A 1 34 ? -18.013 -2.740  17.174  1.00 67.88 ? 31  ALA A C   1 
ATOM   240 O  O   . ALA A 1 34 ? -17.804 -2.333  16.023  1.00 68.30 ? 31  ALA A O   1 
ATOM   241 C  CB  . ALA A 1 34 ? -20.128 -2.384  18.490  1.00 67.41 ? 31  ALA A CB  1 
ATOM   242 N  N   . ASP A 1 35 ? -17.090 -2.729  18.132  1.00 68.52 ? 32  ASP A N   1 
ATOM   243 C  CA  . ASP A 1 35 ? -15.719 -2.271  17.929  1.00 68.42 ? 32  ASP A CA  1 
ATOM   244 C  C   . ASP A 1 35 ? -14.985 -3.161  16.955  1.00 67.70 ? 32  ASP A C   1 
ATOM   245 O  O   . ASP A 1 35 ? -14.202 -2.683  16.125  1.00 68.03 ? 32  ASP A O   1 
ATOM   246 C  CB  . ASP A 1 35 ? -14.996 -2.282  19.268  1.00 69.53 ? 32  ASP A CB  1 
ATOM   247 C  CG  . ASP A 1 35 ? -15.580 -1.269  20.251  1.00 73.04 ? 32  ASP A CG  1 
ATOM   248 O  OD1 . ASP A 1 35 ? -16.445 -1.614  21.128  1.00 72.10 ? 32  ASP A OD1 1 
ATOM   249 O  OD2 . ASP A 1 35 ? -15.160 -0.099  20.096  1.00 78.94 ? 32  ASP A OD2 1 
ATOM   250 N  N   . ALA A 1 36 ? -15.226 -4.461  17.050  1.00 66.60 ? 33  ALA A N   1 
ATOM   251 C  CA  . ALA A 1 36 ? -14.571 -5.393  16.152  1.00 65.89 ? 33  ALA A CA  1 
ATOM   252 C  C   . ALA A 1 36 ? -14.994 -5.128  14.725  1.00 65.64 ? 33  ALA A C   1 
ATOM   253 O  O   . ALA A 1 36 ? -14.157 -5.128  13.842  1.00 64.98 ? 33  ALA A O   1 
ATOM   254 C  CB  . ALA A 1 36 ? -14.859 -6.833  16.543  1.00 65.42 ? 33  ALA A CB  1 
ATOM   255 N  N   . ALA A 1 37 ? -16.293 -4.901  14.507  1.00 66.01 ? 34  ALA A N   1 
ATOM   256 C  CA  . ALA A 1 37 ? -16.801 -4.570  13.180  1.00 66.66 ? 34  ALA A CA  1 
ATOM   257 C  C   . ALA A 1 37 ? -16.210 -3.259  12.669  1.00 67.48 ? 34  ALA A C   1 
ATOM   258 O  O   . ALA A 1 37 ? -15.850 -3.179  11.502  1.00 67.74 ? 34  ALA A O   1 
ATOM   259 C  CB  . ALA A 1 37 ? -18.306 -4.526  13.160  1.00 66.13 ? 34  ALA A CB  1 
ATOM   260 N  N   . GLN A 1 38 ? -16.089 -2.244  13.529  1.00 68.80 ? 35  GLN A N   1 
ATOM   261 C  CA  . GLN A 1 38 ? -15.501 -0.966  13.116  1.00 70.03 ? 35  GLN A CA  1 
ATOM   262 C  C   . GLN A 1 38 ? -14.066 -1.183  12.766  1.00 70.16 ? 35  GLN A C   1 
ATOM   263 O  O   . GLN A 1 38 ? -13.615 -0.768  11.687  1.00 70.74 ? 35  GLN A O   1 
ATOM   264 C  CB  . GLN A 1 38 ? -15.560 0.080   14.218  1.00 70.98 ? 35  GLN A CB  1 
ATOM   265 C  CG  . GLN A 1 38 ? -15.037 1.493   13.814  1.00 75.42 ? 35  GLN A CG  1 
ATOM   266 C  CD  . GLN A 1 38 ? -15.853 2.258   12.737  1.00 78.80 ? 35  GLN A CD  1 
ATOM   267 O  OE1 . GLN A 1 38 ? -17.088 2.288   12.805  1.00 80.83 ? 35  GLN A OE1 1 
ATOM   268 N  NE2 . GLN A 1 38 ? -15.171 2.902   11.777  1.00 80.78 ? 35  GLN A NE2 1 
ATOM   269 N  N   . ALA A 1 39 ? -13.345 -1.866  13.658  1.00 70.18 ? 36  ALA A N   1 
ATOM   270 C  CA  . ALA A 1 39 ? -11.924 -2.140  13.438  1.00 70.00 ? 36  ALA A CA  1 
ATOM   271 C  C   . ALA A 1 39 ? -11.654 -2.814  12.099  1.00 70.29 ? 36  ALA A C   1 
ATOM   272 O  O   . ALA A 1 39 ? -10.673 -2.473  11.433  1.00 71.30 ? 36  ALA A O   1 
ATOM   273 C  CB  . ALA A 1 39 ? -11.331 -2.943  14.581  1.00 69.68 ? 36  ALA A CB  1 
ATOM   274 N  N   . VAL A 1 40 ? -12.520 -3.744  11.698  1.00 70.30 ? 37  VAL A N   1 
ATOM   275 C  CA  . VAL A 1 40 ? -12.406 -4.434  10.405  1.00 70.81 ? 37  VAL A CA  1 
ATOM   276 C  C   . VAL A 1 40 ? -12.618 -3.466  9.241   1.00 71.88 ? 37  VAL A C   1 
ATOM   277 O  O   . VAL A 1 40 ? -11.989 -3.586  8.180   1.00 72.43 ? 37  VAL A O   1 
ATOM   278 C  CB  . VAL A 1 40 ? -13.412 -5.594  10.303  1.00 70.44 ? 37  VAL A CB  1 
ATOM   279 C  CG1 . VAL A 1 40 ? -13.562 -6.085  8.874   1.00 68.97 ? 37  VAL A CG1 1 
ATOM   280 C  CG2 . VAL A 1 40 ? -12.983 -6.716  11.195  1.00 70.46 ? 37  VAL A CG2 1 
ATOM   281 N  N   . GLU A 1 41 ? -13.506 -2.503  9.446   1.00 72.82 ? 38  GLU A N   1 
ATOM   282 C  CA  . GLU A 1 41 ? -13.754 -1.470  8.459   1.00 73.97 ? 38  GLU A CA  1 
ATOM   283 C  C   . GLU A 1 41 ? -12.473 -0.659  8.245   1.00 73.49 ? 38  GLU A C   1 
ATOM   284 O  O   . GLU A 1 41 ? -12.053 -0.420  7.124   1.00 73.42 ? 38  GLU A O   1 
ATOM   285 C  CB  . GLU A 1 41 ? -14.899 -0.592  8.949   1.00 74.47 ? 38  GLU A CB  1 
ATOM   286 C  CG  . GLU A 1 41 ? -15.861 -0.136  7.862   1.00 80.03 ? 38  GLU A CG  1 
ATOM   287 C  CD  . GLU A 1 41 ? -16.299 -1.267  6.922   1.00 84.75 ? 38  GLU A CD  1 
ATOM   288 O  OE1 . GLU A 1 41 ? -16.752 -2.311  7.444   1.00 84.76 ? 38  GLU A OE1 1 
ATOM   289 O  OE2 . GLU A 1 41 ? -16.197 -1.103  5.670   1.00 86.36 ? 38  GLU A OE2 1 
ATOM   290 N  N   . ASN A 1 42 ? -11.827 -0.281  9.337   1.00 73.50 ? 39  ASN A N   1 
ATOM   291 C  CA  . ASN A 1 42 ? -10.574 0.459   9.279   1.00 73.53 ? 39  ASN A CA  1 
ATOM   292 C  C   . ASN A 1 42 ? -9.441  -0.286  8.581   1.00 73.84 ? 39  ASN A C   1 
ATOM   293 O  O   . ASN A 1 42 ? -8.692  0.291   7.798   1.00 74.88 ? 39  ASN A O   1 
ATOM   294 C  CB  . ASN A 1 42 ? -10.131 0.799   10.684  1.00 73.28 ? 39  ASN A CB  1 
ATOM   295 C  CG  . ASN A 1 42 ? -11.158 1.611   11.441  1.00 72.41 ? 39  ASN A CG  1 
ATOM   296 O  OD1 . ASN A 1 42 ? -11.038 1.733   12.648  1.00 74.84 ? 39  ASN A OD1 1 
ATOM   297 N  ND2 . ASN A 1 42 ? -12.158 2.175   10.751  1.00 68.19 ? 39  ASN A ND2 1 
ATOM   298 N  N   . VAL A 1 43 ? -9.315  -1.574  8.846   1.00 73.60 ? 40  VAL A N   1 
ATOM   299 C  CA  . VAL A 1 43 ? -8.305  -2.372  8.156   1.00 73.38 ? 40  VAL A CA  1 
ATOM   300 C  C   . VAL A 1 43 ? -8.567  -2.450  6.650   1.00 72.68 ? 40  VAL A C   1 
ATOM   301 O  O   . VAL A 1 43 ? -7.641  -2.298  5.857   1.00 73.39 ? 40  VAL A O   1 
ATOM   302 C  CB  . VAL A 1 43 ? -8.176  -3.806  8.763   1.00 73.61 ? 40  VAL A CB  1 
ATOM   303 C  CG1 . VAL A 1 43 ? -7.162  -4.639  7.997   1.00 74.04 ? 40  VAL A CG1 1 
ATOM   304 C  CG2 . VAL A 1 43 ? -7.794  -3.730  10.213  1.00 73.53 ? 40  VAL A CG2 1 
ATOM   305 N  N   . LYS A 1 44 ? -9.814  -2.694  6.250   1.00 72.19 ? 41  LYS A N   1 
ATOM   306 C  CA  . LYS A 1 44 ? -10.172 -2.720  4.818   1.00 71.30 ? 41  LYS A CA  1 
ATOM   307 C  C   . LYS A 1 44 ? -9.795  -1.401  4.104   1.00 70.24 ? 41  LYS A C   1 
ATOM   308 O  O   . LYS A 1 44 ? -9.435  -1.400  2.919   1.00 70.10 ? 41  LYS A O   1 
ATOM   309 C  CB  . LYS A 1 44 ? -11.658 -3.003  4.651   1.00 71.47 ? 41  LYS A CB  1 
ATOM   310 C  CG  . LYS A 1 44 ? -12.058 -4.435  4.831   1.00 72.18 ? 41  LYS A CG  1 
ATOM   311 C  CD  . LYS A 1 44 ? -13.570 -4.500  4.705   1.00 75.24 ? 41  LYS A CD  1 
ATOM   312 C  CE  . LYS A 1 44 ? -14.059 -5.773  4.028   1.00 76.85 ? 41  LYS A CE  1 
ATOM   313 N  NZ  . LYS A 1 44 ? -14.207 -6.860  5.030   1.00 78.69 ? 41  LYS A NZ  1 
ATOM   314 N  N   . SER A 1 45 ? -9.851  -0.297  4.851   1.00 68.81 ? 42  SER A N   1 
ATOM   315 C  CA  . SER A 1 45 ? -9.496  1.028   4.335   1.00 68.02 ? 42  SER A CA  1 
ATOM   316 C  C   . SER A 1 45 ? -8.011  1.275   4.180   1.00 67.45 ? 42  SER A C   1 
ATOM   317 O  O   . SER A 1 45 ? -7.577  1.893   3.219   1.00 67.54 ? 42  SER A O   1 
ATOM   318 C  CB  . SER A 1 45 ? -10.078 2.115   5.217   1.00 67.32 ? 42  SER A CB  1 
ATOM   319 O  OG  . SER A 1 45 ? -11.315 2.501   4.647   1.00 68.09 ? 42  SER A OG  1 
ATOM   320 N  N   . ILE A 1 46 ? -7.242  0.832   5.160   1.00 66.93 ? 43  ILE A N   1 
ATOM   321 C  CA  . ILE A 1 46 ? -5.804  0.891   5.074   1.00 66.12 ? 43  ILE A CA  1 
ATOM   322 C  C   . ILE A 1 46 ? -5.376  -0.031  3.960   1.00 66.51 ? 43  ILE A C   1 
ATOM   323 O  O   . ILE A 1 46 ? -4.600  0.382   3.105   1.00 66.46 ? 43  ILE A O   1 
ATOM   324 C  CB  . ILE A 1 46 ? -5.149  0.497   6.386   1.00 65.93 ? 43  ILE A CB  1 
ATOM   325 C  CG1 . ILE A 1 46 ? -5.499  1.538   7.464   1.00 64.11 ? 43  ILE A CG1 1 
ATOM   326 C  CG2 . ILE A 1 46 ? -3.659  0.384   6.206   1.00 63.78 ? 43  ILE A CG2 1 
ATOM   327 C  CD1 . ILE A 1 46 ? -4.976  1.145   8.861   1.00 62.67 ? 43  ILE A CD1 1 
ATOM   328 N  N   . ILE A 1 47 ? -5.908  -1.251  3.907   1.00 66.71 ? 44  ILE A N   1 
ATOM   329 C  CA  . ILE A 1 47 ? -5.483  -2.128  2.800   1.00 67.91 ? 44  ILE A CA  1 
ATOM   330 C  C   . ILE A 1 47 ? -5.826  -1.529  1.422   1.00 67.55 ? 44  ILE A C   1 
ATOM   331 O  O   . ILE A 1 47 ? -5.066  -1.652  0.464   1.00 67.81 ? 44  ILE A O   1 
ATOM   332 C  CB  . ILE A 1 47 ? -5.885  -3.674  2.924   1.00 68.05 ? 44  ILE A CB  1 
ATOM   333 C  CG1 . ILE A 1 47 ? -7.125  -4.011  2.124   1.00 69.33 ? 44  ILE A CG1 1 
ATOM   334 C  CG2 . ILE A 1 47 ? -5.913  -4.208  4.387   1.00 68.88 ? 44  ILE A CG2 1 
ATOM   335 C  CD1 . ILE A 1 47 ? -6.792  -4.287  0.675   1.00 71.40 ? 44  ILE A CD1 1 
ATOM   336 N  N   . SER A 1 48 ? -6.958  -0.860  1.329   1.00 67.60 ? 45  SER A N   1 
ATOM   337 C  CA  . SER A 1 48 ? -7.299  -0.190  0.082   1.00 67.96 ? 45  SER A CA  1 
ATOM   338 C  C   . SER A 1 48 ? -6.223  0.830   -0.325  1.00 67.44 ? 45  SER A C   1 
ATOM   339 O  O   . SER A 1 48 ? -5.944  1.030   -1.508  1.00 67.42 ? 45  SER A O   1 
ATOM   340 C  CB  . SER A 1 48 ? -8.640  0.503   0.238   1.00 67.57 ? 45  SER A CB  1 
ATOM   341 O  OG  . SER A 1 48 ? -9.095  0.902   -1.020  1.00 69.03 ? 45  SER A OG  1 
ATOM   342 N  N   . GLU A 1 49 ? -5.611  1.459   0.667   1.00 67.43 ? 46  GLU A N   1 
ATOM   343 C  CA  . GLU A 1 49 ? -4.547  2.429   0.401   1.00 67.93 ? 46  GLU A CA  1 
ATOM   344 C  C   . GLU A 1 49 ? -3.217  1.775   0.031   1.00 67.63 ? 46  GLU A C   1 
ATOM   345 O  O   . GLU A 1 49 ? -2.491  2.323   -0.813  1.00 68.16 ? 46  GLU A O   1 
ATOM   346 C  CB  . GLU A 1 49 ? -4.346  3.385   1.589   1.00 67.69 ? 46  GLU A CB  1 
ATOM   347 C  CG  . GLU A 1 49 ? -5.447  4.397   1.775   1.00 68.62 ? 46  GLU A CG  1 
ATOM   348 C  CD  . GLU A 1 49 ? -5.758  5.242   0.535   1.00 73.55 ? 46  GLU A CD  1 
ATOM   349 O  OE1 . GLU A 1 49 ? -4.916  5.329   -0.414  1.00 78.30 ? 46  GLU A OE1 1 
ATOM   350 O  OE2 . GLU A 1 49 ? -6.871  5.834   0.514   1.00 72.83 ? 46  GLU A OE2 1 
ATOM   351 N  N   . ILE A 1 50 ? -2.898  0.643   0.671   1.00 66.96 ? 47  ILE A N   1 
ATOM   352 C  CA  . ILE A 1 50 ? -1.768  -0.191  0.282   1.00 67.21 ? 47  ILE A CA  1 
ATOM   353 C  C   . ILE A 1 50 ? -1.871  -0.565  -1.197  1.00 68.21 ? 47  ILE A C   1 
ATOM   354 O  O   . ILE A 1 50 ? -0.918  -0.346  -1.947  1.00 68.70 ? 47  ILE A O   1 
ATOM   355 C  CB  . ILE A 1 50 ? -1.641  -1.484  1.125   1.00 67.08 ? 47  ILE A CB  1 
ATOM   356 C  CG1 . ILE A 1 50 ? -1.280  -1.166  2.574   1.00 66.24 ? 47  ILE A CG1 1 
ATOM   357 C  CG2 . ILE A 1 50 ? -0.577  -2.397  0.549   1.00 65.94 ? 47  ILE A CG2 1 
ATOM   358 C  CD1 . ILE A 1 50 ? -1.776  -2.197  3.583   1.00 65.96 ? 47  ILE A CD1 1 
ATOM   359 N  N   . GLU A 1 51 ? -3.025  -1.083  -1.628  1.00 68.71 ? 48  GLU A N   1 
ATOM   360 C  CA  . GLU A 1 51 ? -3.195  -1.508  -3.024  1.00 69.42 ? 48  GLU A CA  1 
ATOM   361 C  C   . GLU A 1 51 ? -2.939  -0.371  -3.978  1.00 69.06 ? 48  GLU A C   1 
ATOM   362 O  O   . GLU A 1 51 ? -2.245  -0.509  -4.999  1.00 69.17 ? 48  GLU A O   1 
ATOM   363 C  CB  . GLU A 1 51 ? -4.591  -2.042  -3.266  1.00 69.78 ? 48  GLU A CB  1 
ATOM   364 C  CG  . GLU A 1 51 ? -4.800  -3.428  -2.736  1.00 73.07 ? 48  GLU A CG  1 
ATOM   365 C  CD  . GLU A 1 51 ? -6.241  -3.884  -2.878  1.00 79.24 ? 48  GLU A CD  1 
ATOM   366 O  OE1 . GLU A 1 51 ? -7.096  -3.070  -3.304  1.00 82.15 ? 48  GLU A OE1 1 
ATOM   367 O  OE2 . GLU A 1 51 ? -6.529  -5.064  -2.567  1.00 81.53 ? 48  GLU A OE2 1 
ATOM   368 N  N   . SER A 1 52 ? -3.499  0.769   -3.623  1.00 68.69 ? 49  SER A N   1 
ATOM   369 C  CA  . SER A 1 52 ? -3.380  1.964   -4.416  1.00 67.90 ? 49  SER A CA  1 
ATOM   370 C  C   . SER A 1 52 ? -1.928  2.542   -4.460  1.00 67.64 ? 49  SER A C   1 
ATOM   371 O  O   . SER A 1 52 ? -1.500  3.140   -5.455  1.00 67.86 ? 49  SER A O   1 
ATOM   372 C  CB  . SER A 1 52 ? -4.408  2.934   -3.871  1.00 67.44 ? 49  SER A CB  1 
ATOM   373 O  OG  . SER A 1 52 ? -4.014  4.243   -4.139  1.00 71.17 ? 49  SER A OG  1 
ATOM   374 N  N   . THR A 1 53 ? -1.161  2.336   -3.390  1.00 67.47 ? 50  THR A N   1 
ATOM   375 C  CA  . THR A 1 53 ? 0.250   2.736   -3.348  1.00 66.16 ? 50  THR A CA  1 
ATOM   376 C  C   . THR A 1 53 ? 1.069   1.765   -4.160  1.00 66.60 ? 50  THR A C   1 
ATOM   377 O  O   . THR A 1 53 ? 2.053   2.150   -4.805  1.00 67.34 ? 50  THR A O   1 
ATOM   378 C  CB  . THR A 1 53 ? 0.759   2.770   -1.893  1.00 65.98 ? 50  THR A CB  1 
ATOM   379 O  OG1 . THR A 1 53 ? 0.064   3.811   -1.206  1.00 64.91 ? 50  THR A OG1 1 
ATOM   380 C  CG2 . THR A 1 53 ? 2.278   3.021   -1.797  1.00 63.75 ? 50  THR A CG2 1 
ATOM   381 N  N   . ASP A 1 54 ? 0.684   0.497   -4.123  1.00 66.09 ? 51  ASP A N   1 
ATOM   382 C  CA  . ASP A 1 54 ? 1.317   -0.480  -4.969  1.00 66.76 ? 51  ASP A CA  1 
ATOM   383 C  C   . ASP A 1 54 ? 1.227   -0.080  -6.435  1.00 67.12 ? 51  ASP A C   1 
ATOM   384 O  O   . ASP A 1 54 ? 2.184   -0.254  -7.177  1.00 66.13 ? 51  ASP A O   1 
ATOM   385 C  CB  . ASP A 1 54 ? 0.702   -1.848  -4.755  1.00 66.52 ? 51  ASP A CB  1 
ATOM   386 C  CG  . ASP A 1 54 ? 1.287   -2.549  -3.555  1.00 69.43 ? 51  ASP A CG  1 
ATOM   387 O  OD1 . ASP A 1 54 ? 2.377   -2.116  -3.075  1.00 70.98 ? 51  ASP A OD1 1 
ATOM   388 O  OD2 . ASP A 1 54 ? 0.663   -3.538  -3.084  1.00 71.74 ? 51  ASP A OD2 1 
ATOM   389 N  N   . GLU A 1 55 ? 0.077   0.454   -6.845  1.00 68.21 ? 52  GLU A N   1 
ATOM   390 C  CA  . GLU A 1 55 ? -0.067  0.953   -8.209  1.00 69.79 ? 52  GLU A CA  1 
ATOM   391 C  C   . GLU A 1 55 ? 0.857   2.131   -8.478  1.00 69.65 ? 52  GLU A C   1 
ATOM   392 O  O   . GLU A 1 55 ? 1.477   2.189   -9.542  1.00 69.44 ? 52  GLU A O   1 
ATOM   393 C  CB  . GLU A 1 55 ? -1.496  1.356   -8.508  1.00 69.89 ? 52  GLU A CB  1 
ATOM   394 C  CG  . GLU A 1 55 ? -2.443  0.173   -8.528  1.00 74.44 ? 52  GLU A CG  1 
ATOM   395 C  CD  . GLU A 1 55 ? -3.921  0.612   -8.578  1.00 82.02 ? 52  GLU A CD  1 
ATOM   396 O  OE1 . GLU A 1 55 ? -4.291  1.682   -7.987  1.00 85.36 ? 52  GLU A OE1 1 
ATOM   397 O  OE2 . GLU A 1 55 ? -4.722  -0.116  -9.220  1.00 84.88 ? 52  GLU A OE2 1 
ATOM   398 N  N   . ALA A 1 56 ? 0.960   3.063   -7.523  1.00 69.39 ? 53  ALA A N   1 
ATOM   399 C  CA  . ALA A 1 56 ? 1.859   4.202   -7.689  1.00 68.79 ? 53  ALA A CA  1 
ATOM   400 C  C   . ALA A 1 56 ? 3.306   3.709   -7.902  1.00 69.24 ? 53  ALA A C   1 
ATOM   401 O  O   . ALA A 1 56 ? 4.047   4.237   -8.739  1.00 68.84 ? 53  ALA A O   1 
ATOM   402 C  CB  . ALA A 1 56 ? 1.761   5.118   -6.505  1.00 68.46 ? 53  ALA A CB  1 
ATOM   403 N  N   . ILE A 1 57 ? 3.688   2.670   -7.162  1.00 69.43 ? 54  ILE A N   1 
ATOM   404 C  CA  . ILE A 1 57 ? 5.030   2.105   -7.245  1.00 69.50 ? 54  ILE A CA  1 
ATOM   405 C  C   . ILE A 1 57 ? 5.262   1.447   -8.603  1.00 70.39 ? 54  ILE A C   1 
ATOM   406 O  O   . ILE A 1 57 ? 6.329   1.615   -9.211  1.00 71.16 ? 54  ILE A O   1 
ATOM   407 C  CB  . ILE A 1 57 ? 5.261   1.110   -6.102  1.00 69.06 ? 54  ILE A CB  1 
ATOM   408 C  CG1 . ILE A 1 57 ? 5.418   1.873   -4.788  1.00 68.68 ? 54  ILE A CG1 1 
ATOM   409 C  CG2 . ILE A 1 57 ? 6.476   0.235   -6.347  1.00 68.76 ? 54  ILE A CG2 1 
ATOM   410 C  CD1 . ILE A 1 57 ? 5.393   0.995   -3.595  1.00 67.12 ? 54  ILE A CD1 1 
ATOM   411 N  N   . ALA A 1 58 ? 4.271   0.696   -9.068  1.00 70.67 ? 55  ALA A N   1 
ATOM   412 C  CA  . ALA A 1 58 ? 4.324   0.029   -10.363 1.00 71.25 ? 55  ALA A CA  1 
ATOM   413 C  C   . ALA A 1 58 ? 4.426   1.072   -11.485 1.00 72.18 ? 55  ALA A C   1 
ATOM   414 O  O   . ALA A 1 58 ? 5.262   0.943   -12.377 1.00 72.60 ? 55  ALA A O   1 
ATOM   415 C  CB  . ALA A 1 58 ? 3.100   -0.875  -10.548 1.00 70.44 ? 55  ALA A CB  1 
ATOM   416 N  N   . ALA A 1 59 ? 3.604   2.116   -11.408 1.00 73.16 ? 56  ALA A N   1 
ATOM   417 C  CA  . ALA A 1 59 ? 3.664   3.220   -12.344 1.00 74.53 ? 56  ALA A CA  1 
ATOM   418 C  C   . ALA A 1 59 ? 5.046   3.863   -12.357 1.00 76.23 ? 56  ALA A C   1 
ATOM   419 O  O   . ALA A 1 59 ? 5.609   4.065   -13.429 1.00 77.03 ? 56  ALA A O   1 
ATOM   420 C  CB  . ALA A 1 59 ? 2.599   4.252   -12.040 1.00 73.96 ? 56  ALA A CB  1 
ATOM   421 N  N   . ARG A 1 60 ? 5.615   4.172   -11.191 1.00 77.78 ? 57  ARG A N   1 
ATOM   422 C  CA  . ARG A 1 60 ? 6.940   4.806   -11.172 1.00 79.03 ? 57  ARG A CA  1 
ATOM   423 C  C   . ARG A 1 60 ? 8.007   3.898   -11.732 1.00 79.28 ? 57  ARG A C   1 
ATOM   424 O  O   . ARG A 1 60 ? 8.855   4.370   -12.470 1.00 79.96 ? 57  ARG A O   1 
ATOM   425 C  CB  . ARG A 1 60 ? 7.357   5.307   -9.779  1.00 79.38 ? 57  ARG A CB  1 
ATOM   426 C  CG  . ARG A 1 60 ? 6.529   6.466   -9.299  1.00 82.18 ? 57  ARG A CG  1 
ATOM   427 C  CD  . ARG A 1 60 ? 6.952   6.966   -7.918  1.00 88.08 ? 57  ARG A CD  1 
ATOM   428 N  NE  . ARG A 1 60 ? 6.050   8.032   -7.479  1.00 92.17 ? 57  ARG A NE  1 
ATOM   429 C  CZ  . ARG A 1 60 ? 6.163   9.315   -7.842  1.00 93.35 ? 57  ARG A CZ  1 
ATOM   430 N  NH1 . ARG A 1 60 ? 5.281   10.205  -7.405  1.00 94.16 ? 57  ARG A NH1 1 
ATOM   431 N  NH2 . ARG A 1 60 ? 7.152   9.715   -8.638  1.00 92.90 ? 57  ARG A NH2 1 
ATOM   432 N  N   . ARG A 1 61 ? 7.986   2.611   -11.384 1.00 79.86 ? 58  ARG A N   1 
ATOM   433 C  CA  . ARG A 1 61 ? 9.015   1.692   -11.872 1.00 80.45 ? 58  ARG A CA  1 
ATOM   434 C  C   . ARG A 1 61 ? 8.876   1.493   -13.368 1.00 80.77 ? 58  ARG A C   1 
ATOM   435 O  O   . ARG A 1 61 ? 9.852   1.620   -14.113 1.00 81.05 ? 58  ARG A O   1 
ATOM   436 C  CB  . ARG A 1 61 ? 8.954   0.353   -11.165 1.00 80.34 ? 58  ARG A CB  1 
ATOM   437 C  CG  . ARG A 1 61 ? 9.902   0.252   -10.008 1.00 82.14 ? 58  ARG A CG  1 
ATOM   438 C  CD  . ARG A 1 61 ? 9.500   -0.924  -9.133  1.00 85.02 ? 58  ARG A CD  1 
ATOM   439 N  NE  . ARG A 1 61 ? 10.296  -1.011  -7.904  1.00 86.98 ? 58  ARG A NE  1 
ATOM   440 C  CZ  . ARG A 1 61 ? 9.953   -1.740  -6.844  1.00 87.50 ? 58  ARG A CZ  1 
ATOM   441 N  NH1 . ARG A 1 61 ? 8.817   -2.436  -6.849  1.00 87.86 ? 58  ARG A NH1 1 
ATOM   442 N  NH2 . ARG A 1 61 ? 10.736  -1.767  -5.771  1.00 88.07 ? 58  ARG A NH2 1 
ATOM   443 N  N   . GLY A 1 62 ? 7.649   1.210   -13.791 1.00 80.88 ? 59  GLY A N   1 
ATOM   444 C  CA  . GLY A 1 62 ? 7.331   1.019   -15.193 1.00 81.26 ? 59  GLY A CA  1 
ATOM   445 C  C   . GLY A 1 62 ? 7.712   2.184   -16.097 1.00 81.58 ? 59  GLY A C   1 
ATOM   446 O  O   . GLY A 1 62 ? 8.295   1.967   -17.166 1.00 81.83 ? 59  GLY A O   1 
ATOM   447 N  N   . VAL A 1 63 ? 7.399   3.413   -15.684 1.00 81.31 ? 60  VAL A N   1 
ATOM   448 C  CA  . VAL A 1 63 ? 7.665   4.564   -16.534 1.00 81.26 ? 60  VAL A CA  1 
ATOM   449 C  C   . VAL A 1 63 ? 9.136   4.708   -16.851 1.00 81.74 ? 60  VAL A C   1 
ATOM   450 O  O   . VAL A 1 63 ? 9.484   5.021   -17.987 1.00 82.46 ? 60  VAL A O   1 
ATOM   451 C  CB  . VAL A 1 63 ? 7.142   5.874   -15.958 1.00 81.29 ? 60  VAL A CB  1 
ATOM   452 C  CG1 . VAL A 1 63 ? 8.021   7.044   -16.394 1.00 80.51 ? 60  VAL A CG1 1 
ATOM   453 C  CG2 . VAL A 1 63 ? 5.710   6.096   -16.397 1.00 80.90 ? 60  VAL A CG2 1 
ATOM   454 N  N   . SER A 1 64 ? 10.012  4.483   -15.884 1.00 81.73 ? 61  SER A N   1 
ATOM   455 C  CA  . SER A 1 64 ? 11.420  4.577   -16.232 1.00 82.33 ? 61  SER A CA  1 
ATOM   456 C  C   . SER A 1 64 ? 11.926  3.327   -16.991 1.00 82.42 ? 61  SER A C   1 
ATOM   457 O  O   . SER A 1 64 ? 12.854  3.444   -17.806 1.00 82.64 ? 61  SER A O   1 
ATOM   458 C  CB  . SER A 1 64 ? 12.302  4.973   -15.037 1.00 82.18 ? 61  SER A CB  1 
ATOM   459 O  OG  . SER A 1 64 ? 12.330  3.943   -14.081 1.00 82.67 ? 61  SER A OG  1 
ATOM   460 N  N   . ASP A 1 65 ? 11.293  2.166   -16.761 1.00 82.08 ? 62  ASP A N   1 
ATOM   461 C  CA  . ASP A 1 65 ? 11.564  0.941   -17.559 1.00 82.45 ? 62  ASP A CA  1 
ATOM   462 C  C   . ASP A 1 65 ? 11.268  1.156   -19.038 1.00 81.34 ? 62  ASP A C   1 
ATOM   463 O  O   . ASP A 1 65 ? 12.021  0.727   -19.917 1.00 81.12 ? 62  ASP A O   1 
ATOM   464 C  CB  . ASP A 1 65 ? 10.705  -0.256  -17.104 1.00 83.16 ? 62  ASP A CB  1 
ATOM   465 C  CG  . ASP A 1 65 ? 11.192  -0.888  -15.799 1.00 86.24 ? 62  ASP A CG  1 
ATOM   466 O  OD1 . ASP A 1 65 ? 12.352  -0.604  -15.392 1.00 87.44 ? 62  ASP A OD1 1 
ATOM   467 O  OD2 . ASP A 1 65 ? 10.398  -1.666  -15.183 1.00 89.03 ? 62  ASP A OD2 1 
ATOM   468 N  N   . VAL A 1 66 ? 10.139  1.813   -19.263 1.00 80.33 ? 63  VAL A N   1 
ATOM   469 C  CA  . VAL A 1 66 ? 9.578   2.065   -20.561 1.00 79.51 ? 63  VAL A CA  1 
ATOM   470 C  C   . VAL A 1 66 ? 10.399  3.117   -21.295 1.00 79.94 ? 63  VAL A C   1 
ATOM   471 O  O   . VAL A 1 66 ? 10.811  2.898   -22.431 1.00 80.13 ? 63  VAL A O   1 
ATOM   472 C  CB  . VAL A 1 66 ? 8.098   2.478   -20.396 1.00 79.09 ? 63  VAL A CB  1 
ATOM   473 C  CG1 . VAL A 1 66 ? 7.655   3.527   -21.400 1.00 77.77 ? 63  VAL A CG1 1 
ATOM   474 C  CG2 . VAL A 1 66 ? 7.247   1.264   -20.457 1.00 78.34 ? 63  VAL A CG2 1 
ATOM   475 N  N   . THR A 1 67 ? 10.657  4.239   -20.631 1.00 80.00 ? 64  THR A N   1 
ATOM   476 C  CA  . THR A 1 67 ? 11.394  5.340   -21.213 1.00 80.12 ? 64  THR A CA  1 
ATOM   477 C  C   . THR A 1 67 ? 12.750  4.859   -21.681 1.00 80.47 ? 64  THR A C   1 
ATOM   478 O  O   . THR A 1 67 ? 13.230  5.264   -22.745 1.00 80.51 ? 64  THR A O   1 
ATOM   479 C  CB  . THR A 1 67 ? 11.560  6.453   -20.182 1.00 80.29 ? 64  THR A CB  1 
ATOM   480 O  OG1 . THR A 1 67 ? 10.261  6.929   -19.835 1.00 80.31 ? 64  THR A OG1 1 
ATOM   481 C  CG2 . THR A 1 67 ? 12.401  7.605   -20.735 1.00 79.33 ? 64  THR A CG2 1 
ATOM   482 N  N   . GLN A 1 68 ? 13.329  3.966   -20.914 1.00 80.97 ? 65  GLN A N   1 
ATOM   483 C  CA  . GLN A 1 68 ? 14.673  3.524   -21.158 1.00 81.80 ? 65  GLN A CA  1 
ATOM   484 C  C   . GLN A 1 68 ? 14.675  2.576   -22.326 1.00 81.66 ? 65  GLN A C   1 
ATOM   485 O  O   . GLN A 1 68 ? 15.712  2.196   -22.832 1.00 82.04 ? 65  GLN A O   1 
ATOM   486 C  CB  . GLN A 1 68 ? 15.200  2.801   -19.933 1.00 82.38 ? 65  GLN A CB  1 
ATOM   487 C  CG  . GLN A 1 68 ? 16.687  2.953   -19.692 1.00 84.94 ? 65  GLN A CG  1 
ATOM   488 C  CD  . GLN A 1 68 ? 17.124  4.399   -19.539 1.00 88.49 ? 65  GLN A CD  1 
ATOM   489 O  OE1 . GLN A 1 68 ? 16.530  5.163   -18.783 1.00 88.39 ? 65  GLN A OE1 1 
ATOM   490 N  NE2 . GLN A 1 68 ? 18.168  4.779   -20.262 1.00 88.47 ? 65  GLN A NE2 1 
ATOM   491 N  N   . LYS A 1 69 ? 13.499  2.171   -22.751 1.00 80.95 ? 66  LYS A N   1 
ATOM   492 C  CA  . LYS A 1 69 ? 13.429  1.135   -23.740 1.00 80.14 ? 66  LYS A CA  1 
ATOM   493 C  C   . LYS A 1 69 ? 13.006  1.765   -25.018 1.00 79.71 ? 66  LYS A C   1 
ATOM   494 O  O   . LYS A 1 69 ? 13.531  1.473   -26.056 1.00 80.18 ? 66  LYS A O   1 
ATOM   495 C  CB  . LYS A 1 69 ? 12.416  0.088   -23.342 1.00 80.51 ? 66  LYS A CB  1 
ATOM   496 C  CG  . LYS A 1 69 ? 13.015  -1.260  -23.184 1.00 81.00 ? 66  LYS A CG  1 
ATOM   497 C  CD  . LYS A 1 69 ? 12.025  -2.211  -22.619 1.00 82.40 ? 66  LYS A CD  1 
ATOM   498 C  CE  . LYS A 1 69 ? 12.177  -3.546  -23.270 1.00 82.74 ? 66  LYS A CE  1 
ATOM   499 N  NZ  . LYS A 1 69 ? 13.243  -3.475  -24.291 1.00 82.26 ? 66  LYS A NZ  1 
ATOM   500 N  N   . LEU A 1 70 ? 12.039  2.644   -24.932 1.00 78.50 ? 67  LEU A N   1 
ATOM   501 C  CA  . LEU A 1 70 ? 11.817  3.565   -25.994 1.00 76.91 ? 67  LEU A CA  1 
ATOM   502 C  C   . LEU A 1 70 ? 13.119  4.145   -26.477 1.00 77.06 ? 67  LEU A C   1 
ATOM   503 O  O   . LEU A 1 70 ? 13.443  4.067   -27.635 1.00 76.51 ? 67  LEU A O   1 
ATOM   504 C  CB  . LEU A 1 70 ? 10.904  4.656   -25.522 1.00 76.24 ? 67  LEU A CB  1 
ATOM   505 C  CG  . LEU A 1 70 ? 9.555   4.501   -26.166 1.00 74.95 ? 67  LEU A CG  1 
ATOM   506 C  CD1 . LEU A 1 70 ? 9.435   3.118   -26.650 1.00 72.14 ? 67  LEU A CD1 1 
ATOM   507 C  CD2 . LEU A 1 70 ? 8.529   4.777   -25.170 1.00 75.23 ? 67  LEU A CD2 1 
ATOM   508 N  N   . LYS A 1 71 ? 13.878  4.741   -25.583 1.00 77.07 ? 68  LYS A N   1 
ATOM   509 C  CA  . LYS A 1 71 ? 15.102  5.377   -25.997 1.00 77.01 ? 68  LYS A CA  1 
ATOM   510 C  C   . LYS A 1 71 ? 15.827  4.371   -26.828 1.00 77.47 ? 68  LYS A C   1 
ATOM   511 O  O   . LYS A 1 71 ? 16.332  4.662   -27.887 1.00 78.55 ? 68  LYS A O   1 
ATOM   512 C  CB  . LYS A 1 71 ? 15.956  5.710   -24.792 1.00 77.03 ? 68  LYS A CB  1 
ATOM   513 C  CG  . LYS A 1 71 ? 15.859  7.138   -24.352 1.00 77.27 ? 68  LYS A CG  1 
ATOM   514 C  CD  . LYS A 1 71 ? 16.499  7.322   -23.001 1.00 78.05 ? 68  LYS A CD  1 
ATOM   515 C  CE  . LYS A 1 71 ? 16.131  8.659   -22.399 1.00 79.99 ? 68  LYS A CE  1 
ATOM   516 N  NZ  . LYS A 1 71 ? 16.687  8.829   -21.030 1.00 81.75 ? 68  LYS A NZ  1 
ATOM   517 N  N   . GLY A 1 72 ? 15.959  3.164   -26.321 1.00 77.06 ? 69  GLY A N   1 
ATOM   518 C  CA  . GLY A 1 72 ? 16.795  2.185   -26.980 1.00 76.27 ? 69  GLY A CA  1 
ATOM   519 C  C   . GLY A 1 72 ? 16.225  1.560   -28.235 1.00 76.22 ? 69  GLY A C   1 
ATOM   520 O  O   . GLY A 1 72 ? 16.806  0.662   -28.802 1.00 75.53 ? 69  GLY A O   1 
ATOM   521 N  N   . LEU A 1 73 ? 15.073  2.025   -28.667 1.00 76.17 ? 70  LEU A N   1 
ATOM   522 C  CA  . LEU A 1 73 ? 14.438  1.435   -29.814 1.00 75.74 ? 70  LEU A CA  1 
ATOM   523 C  C   . LEU A 1 73 ? 14.349  2.493   -30.846 1.00 76.86 ? 70  LEU A C   1 
ATOM   524 O  O   . LEU A 1 73 ? 13.735  2.316   -31.868 1.00 76.71 ? 70  LEU A O   1 
ATOM   525 C  CB  . LEU A 1 73 ? 13.022  0.998   -29.474 1.00 74.88 ? 70  LEU A CB  1 
ATOM   526 C  CG  . LEU A 1 73 ? 12.820  -0.365  -28.850 1.00 72.29 ? 70  LEU A CG  1 
ATOM   527 C  CD1 . LEU A 1 73 ? 11.387  -0.623  -28.640 1.00 70.07 ? 70  LEU A CD1 1 
ATOM   528 C  CD2 . LEU A 1 73 ? 13.405  -1.418  -29.684 1.00 69.47 ? 70  LEU A CD2 1 
ATOM   529 N  N   . THR A 1 74 ? 14.954  3.623   -30.568 1.00 78.80 ? 71  THR A N   1 
ATOM   530 C  CA  . THR A 1 74 ? 14.838  4.713   -31.491 1.00 81.13 ? 71  THR A CA  1 
ATOM   531 C  C   . THR A 1 74 ? 15.778  4.577   -32.660 1.00 82.91 ? 71  THR A C   1 
ATOM   532 O  O   . THR A 1 74 ? 16.908  4.150   -32.498 1.00 83.39 ? 71  THR A O   1 
ATOM   533 C  CB  . THR A 1 74 ? 15.023  6.033   -30.813 1.00 80.78 ? 71  THR A CB  1 
ATOM   534 O  OG1 . THR A 1 74 ? 13.808  6.382   -30.160 1.00 80.31 ? 71  THR A OG1 1 
ATOM   535 C  CG2 . THR A 1 74 ? 15.319  7.076   -31.827 1.00 80.76 ? 71  THR A CG2 1 
ATOM   536 N  N   . ILE A 1 75 ? 15.284  4.931   -33.841 1.00 20.00 ? 72  ILE A N   1 
ATOM   537 C  CA  . ILE A 1 75 ? 16.077  4.935   -35.066 1.00 20.00 ? 72  ILE A CA  1 
ATOM   538 C  C   . ILE A 1 75 ? 15.556  3.982   -36.137 1.00 20.00 ? 72  ILE A C   1 
ATOM   539 O  O   . ILE A 1 75 ? 15.302  2.809   -35.874 1.00 20.00 ? 72  ILE A O   1 
ATOM   540 C  CB  . ILE A 1 75 ? 17.551  4.649   -34.785 1.00 20.00 ? 72  ILE A CB  1 
ATOM   541 C  CG1 . ILE A 1 75 ? 18.397  5.885   -35.067 1.00 20.00 ? 72  ILE A CG1 1 
ATOM   542 C  CG2 . ILE A 1 75 ? 18.030  3.492   -35.620 1.00 20.00 ? 72  ILE A CG2 1 
ATOM   543 C  CD1 . ILE A 1 75 ? 19.826  5.714   -34.665 1.00 20.00 ? 72  ILE A CD1 1 
HETATM 544 O  O   . HOH B 2 .  ? -2.483  -2.745  -6.429  1.00 56.90 ? 139 HOH A O   1 
HETATM 545 O  O   . HOH B 2 .  ? 0.593   2.111   13.920  1.00 55.34 ? 140 HOH A O   1 
HETATM 546 O  O   . HOH B 2 .  ? -2.019  1.289   12.980  1.00 75.84 ? 141 HOH A O   1 
HETATM 547 O  O   . HOH B 2 .  ? -17.936 2.244   15.877  1.00 81.05 ? 142 HOH A O   1 
HETATM 548 O  O   . HOH B 2 .  ? -2.768  -0.603  15.837  1.00 59.94 ? 143 HOH A O   1 
HETATM 549 O  O   . HOH B 2 .  ? -1.924  6.435   -4.437  1.00 76.93 ? 144 HOH A O   1 
HETATM 550 O  O   . HOH B 2 .  ? -1.428  -4.478  -4.632  1.00 59.33 ? 145 HOH A O   1 
HETATM 551 O  O   . HOH B 2 .  ? -3.882  6.805   -3.143  0.50 38.30 ? 146 HOH A O   1 
HETATM 552 O  O   . HOH B 2 .  ? -2.518  5.303   -1.522  1.00 67.93 ? 147 HOH A O   1 
# 
